data_2MHJ
#
_entry.id   2MHJ
#
_entity_poly.entity_id   1
_entity_poly.type   'polypeptide(L)'
_entity_poly.pdbx_seq_one_letter_code
;MAHHHHHHVDDDDKMGGPTVLVKRFQLSGNRQFDDRRLLALLHDLPGQELNLSQLHAAAARIGDFYQEKGYVLARAFLPA
QEIQDGTVRIEVLEG
;
_entity_poly.pdbx_strand_id   A
#
# COMPACT_ATOMS: atom_id res chain seq x y z
N MET A 1 -16.28 3.75 -18.47
CA MET A 1 -15.95 3.50 -17.04
C MET A 1 -14.57 4.07 -16.72
N ALA A 2 -14.49 4.81 -15.62
CA ALA A 2 -13.26 5.47 -15.23
C ALA A 2 -12.13 4.47 -15.00
N HIS A 3 -11.13 4.53 -15.86
CA HIS A 3 -9.93 3.71 -15.71
C HIS A 3 -8.71 4.62 -15.58
N HIS A 4 -8.20 5.07 -16.71
CA HIS A 4 -7.04 5.95 -16.71
C HIS A 4 -7.46 7.38 -16.48
N HIS A 5 -6.83 8.03 -15.51
CA HIS A 5 -7.15 9.42 -15.21
C HIS A 5 -6.25 10.33 -16.03
N HIS A 6 -4.96 9.99 -16.08
CA HIS A 6 -4.00 10.60 -16.99
C HIS A 6 -4.07 12.14 -16.97
N HIS A 7 -3.79 12.71 -15.81
CA HIS A 7 -3.71 14.15 -15.67
C HIS A 7 -2.34 14.54 -15.13
N HIS A 8 -1.55 13.52 -14.84
CA HIS A 8 -0.18 13.66 -14.36
C HIS A 8 0.41 12.27 -14.17
N VAL A 9 -0.43 11.38 -13.66
CA VAL A 9 -0.10 9.99 -13.51
C VAL A 9 -1.20 9.13 -14.12
N ASP A 10 -0.95 7.85 -14.29
CA ASP A 10 -1.96 6.94 -14.82
C ASP A 10 -1.58 5.50 -14.54
N ASP A 11 -2.29 4.57 -15.16
CA ASP A 11 -2.11 3.15 -14.88
C ASP A 11 -0.69 2.67 -15.18
N ASP A 12 -0.13 1.92 -14.23
CA ASP A 12 1.23 1.41 -14.35
C ASP A 12 1.25 -0.06 -13.96
N ASP A 13 2.34 -0.75 -14.29
CA ASP A 13 2.49 -2.19 -14.09
C ASP A 13 1.55 -2.96 -15.01
N LYS A 14 0.26 -2.98 -14.69
CA LYS A 14 -0.73 -3.56 -15.55
C LYS A 14 -1.55 -2.44 -16.17
N MET A 15 -1.14 -2.01 -17.36
CA MET A 15 -1.80 -0.91 -18.03
C MET A 15 -3.09 -1.37 -18.68
N GLY A 16 -4.10 -0.51 -18.64
CA GLY A 16 -5.39 -0.86 -19.19
C GLY A 16 -6.23 -1.67 -18.21
N GLY A 17 -5.79 -1.70 -16.96
CA GLY A 17 -6.53 -2.41 -15.94
C GLY A 17 -7.00 -1.49 -14.84
N PRO A 18 -7.58 -2.04 -13.77
CA PRO A 18 -8.06 -1.25 -12.64
C PRO A 18 -6.89 -0.68 -11.83
N THR A 19 -6.96 0.60 -11.53
CA THR A 19 -5.92 1.27 -10.78
C THR A 19 -6.51 2.18 -9.72
N VAL A 20 -5.75 2.42 -8.66
CA VAL A 20 -6.18 3.29 -7.59
C VAL A 20 -5.17 4.40 -7.39
N LEU A 21 -5.62 5.64 -7.48
CA LEU A 21 -4.76 6.77 -7.17
C LEU A 21 -4.51 6.81 -5.68
N VAL A 22 -3.34 6.36 -5.29
CA VAL A 22 -3.00 6.28 -3.89
C VAL A 22 -2.66 7.66 -3.33
N LYS A 23 -3.48 8.12 -2.40
CA LYS A 23 -3.23 9.39 -1.74
C LYS A 23 -2.58 9.14 -0.39
N ARG A 24 -2.93 8.03 0.24
CA ARG A 24 -2.35 7.65 1.52
C ARG A 24 -2.49 6.16 1.77
N PHE A 25 -1.70 5.66 2.72
CA PHE A 25 -1.77 4.28 3.14
C PHE A 25 -2.33 4.19 4.56
N GLN A 26 -3.19 3.22 4.79
CA GLN A 26 -3.74 2.97 6.11
C GLN A 26 -3.39 1.57 6.55
N LEU A 27 -2.83 1.46 7.75
CA LEU A 27 -2.43 0.17 8.27
C LEU A 27 -3.44 -0.32 9.29
N SER A 28 -3.89 -1.55 9.12
CA SER A 28 -4.90 -2.13 9.97
C SER A 28 -4.36 -3.39 10.64
N GLY A 29 -4.37 -3.40 11.97
CA GLY A 29 -3.85 -4.54 12.70
C GLY A 29 -2.46 -4.31 13.24
N ASN A 30 -1.86 -3.20 12.84
CA ASN A 30 -0.53 -2.84 13.28
C ASN A 30 -0.55 -2.27 14.70
N ARG A 31 0.21 -2.89 15.58
CA ARG A 31 0.29 -2.47 16.98
C ARG A 31 1.74 -2.19 17.36
N GLN A 32 2.66 -2.86 16.67
CA GLN A 32 4.08 -2.70 16.94
C GLN A 32 4.63 -1.47 16.26
N PHE A 33 4.10 -1.17 15.07
CA PHE A 33 4.54 -0.01 14.32
C PHE A 33 3.34 0.79 13.84
N ASP A 34 3.42 2.10 13.99
CA ASP A 34 2.34 3.00 13.59
C ASP A 34 2.32 3.19 12.08
N ASP A 35 1.26 3.82 11.56
CA ASP A 35 1.11 4.06 10.12
C ASP A 35 2.34 4.76 9.58
N ARG A 36 2.70 5.87 10.22
CA ARG A 36 3.86 6.67 9.85
C ARG A 36 5.10 5.80 9.59
N ARG A 37 5.39 4.90 10.52
CA ARG A 37 6.55 4.02 10.41
C ARG A 37 6.46 3.15 9.15
N LEU A 38 5.27 2.63 8.87
CA LEU A 38 5.08 1.72 7.75
C LEU A 38 4.92 2.47 6.43
N LEU A 39 4.46 3.72 6.51
CA LEU A 39 4.25 4.56 5.34
C LEU A 39 5.55 4.84 4.60
N ALA A 40 6.63 4.96 5.34
CA ALA A 40 7.95 5.20 4.75
C ALA A 40 8.37 4.04 3.86
N LEU A 41 7.78 2.87 4.10
CA LEU A 41 8.02 1.70 3.25
C LEU A 41 7.39 1.91 1.89
N LEU A 42 6.36 2.75 1.85
CA LEU A 42 5.64 3.03 0.62
C LEU A 42 5.95 4.45 0.14
N HIS A 43 7.00 5.03 0.72
CA HIS A 43 7.39 6.42 0.47
C HIS A 43 7.43 6.79 -1.02
N ASP A 44 7.67 5.81 -1.88
CA ASP A 44 7.86 6.05 -3.31
C ASP A 44 6.64 5.67 -4.14
N LEU A 45 5.52 5.41 -3.48
CA LEU A 45 4.34 4.90 -4.20
C LEU A 45 3.26 5.96 -4.46
N PRO A 46 2.73 6.64 -3.42
CA PRO A 46 1.51 7.42 -3.57
C PRO A 46 1.71 8.70 -4.37
N GLY A 47 0.61 9.28 -4.82
CA GLY A 47 0.66 10.38 -5.76
C GLY A 47 0.59 9.85 -7.18
N GLN A 48 0.51 8.53 -7.29
CA GLN A 48 0.44 7.86 -8.57
C GLN A 48 -0.73 6.89 -8.59
N GLU A 49 -1.01 6.33 -9.75
CA GLU A 49 -2.08 5.37 -9.88
C GLU A 49 -1.52 3.95 -9.87
N LEU A 50 -1.47 3.38 -8.69
CA LEU A 50 -0.96 2.05 -8.48
C LEU A 50 -2.05 1.04 -8.77
N ASN A 51 -1.71 -0.02 -9.49
CA ASN A 51 -2.69 -1.07 -9.78
C ASN A 51 -2.76 -2.05 -8.62
N LEU A 52 -3.72 -2.95 -8.64
CA LEU A 52 -3.92 -3.88 -7.53
C LEU A 52 -2.65 -4.65 -7.23
N SER A 53 -1.97 -5.10 -8.29
CA SER A 53 -0.74 -5.88 -8.14
C SER A 53 0.32 -5.09 -7.38
N GLN A 54 0.51 -3.82 -7.74
CA GLN A 54 1.45 -2.94 -7.05
C GLN A 54 0.98 -2.67 -5.63
N LEU A 55 -0.32 -2.59 -5.44
CA LEU A 55 -0.91 -2.39 -4.12
C LEU A 55 -0.58 -3.56 -3.20
N HIS A 56 -0.69 -4.78 -3.72
CA HIS A 56 -0.35 -5.97 -2.94
C HIS A 56 1.16 -6.04 -2.70
N ALA A 57 1.94 -5.60 -3.69
CA ALA A 57 3.39 -5.60 -3.58
C ALA A 57 3.86 -4.65 -2.48
N ALA A 58 3.13 -3.55 -2.31
CA ALA A 58 3.41 -2.58 -1.26
C ALA A 58 3.38 -3.24 0.11
N ALA A 59 2.45 -4.16 0.30
CA ALA A 59 2.29 -4.84 1.57
C ALA A 59 3.45 -5.77 1.86
N ALA A 60 4.06 -6.30 0.80
CA ALA A 60 5.18 -7.22 0.93
C ALA A 60 6.39 -6.52 1.54
N ARG A 61 6.51 -5.23 1.24
CA ARG A 61 7.58 -4.40 1.81
C ARG A 61 7.49 -4.41 3.33
N ILE A 62 6.26 -4.29 3.82
CA ILE A 62 6.01 -4.19 5.25
C ILE A 62 6.15 -5.55 5.93
N GLY A 63 5.72 -6.59 5.22
CA GLY A 63 5.82 -7.94 5.74
C GLY A 63 7.26 -8.33 6.02
N ASP A 64 8.17 -7.87 5.17
CA ASP A 64 9.60 -8.14 5.35
C ASP A 64 10.19 -7.17 6.38
N PHE A 65 9.64 -5.96 6.42
CA PHE A 65 10.06 -4.95 7.38
C PHE A 65 9.99 -5.49 8.81
N TYR A 66 8.83 -6.05 9.14
CA TYR A 66 8.61 -6.64 10.45
C TYR A 66 9.61 -7.76 10.73
N GLN A 67 9.90 -8.56 9.72
CA GLN A 67 10.80 -9.70 9.86
C GLN A 67 12.18 -9.25 10.29
N GLU A 68 12.63 -8.13 9.76
CA GLU A 68 13.97 -7.61 10.09
C GLU A 68 14.00 -7.04 11.50
N LYS A 69 12.82 -6.73 12.03
CA LYS A 69 12.72 -6.22 13.39
C LYS A 69 12.60 -7.37 14.38
N GLY A 70 12.52 -8.59 13.85
CA GLY A 70 12.42 -9.76 14.69
C GLY A 70 11.07 -10.42 14.61
N TYR A 71 10.13 -9.76 13.95
CA TYR A 71 8.78 -10.29 13.82
C TYR A 71 8.67 -11.13 12.56
N VAL A 72 9.29 -12.31 12.60
CA VAL A 72 9.35 -13.18 11.44
C VAL A 72 7.99 -13.81 11.16
N LEU A 73 7.17 -13.91 12.19
CA LEU A 73 5.82 -14.46 12.06
C LEU A 73 4.87 -13.42 11.50
N ALA A 74 5.32 -12.17 11.44
CA ALA A 74 4.48 -11.07 11.00
C ALA A 74 4.47 -10.95 9.49
N ARG A 75 3.31 -10.65 8.94
CA ARG A 75 3.16 -10.45 7.51
C ARG A 75 2.07 -9.43 7.24
N ALA A 76 2.37 -8.46 6.39
CA ALA A 76 1.40 -7.47 5.99
C ALA A 76 0.87 -7.81 4.60
N PHE A 77 -0.44 -7.76 4.44
CA PHE A 77 -1.06 -8.07 3.15
C PHE A 77 -2.21 -7.10 2.89
N LEU A 78 -2.36 -6.71 1.63
CA LEU A 78 -3.43 -5.80 1.26
C LEU A 78 -4.65 -6.61 0.81
N PRO A 79 -5.70 -6.65 1.65
CA PRO A 79 -6.86 -7.50 1.43
C PRO A 79 -7.82 -6.96 0.37
N ALA A 80 -7.55 -5.73 -0.07
CA ALA A 80 -8.37 -5.03 -1.05
C ALA A 80 -9.75 -4.72 -0.47
N GLN A 81 -10.71 -5.63 -0.67
CA GLN A 81 -12.06 -5.48 -0.13
C GLN A 81 -12.65 -4.13 -0.54
N GLU A 82 -12.63 -3.85 -1.84
CA GLU A 82 -13.10 -2.58 -2.37
C GLU A 82 -12.32 -1.41 -1.77
N ILE A 83 -11.15 -1.17 -2.35
CA ILE A 83 -10.23 -0.15 -1.86
C ILE A 83 -10.80 1.25 -2.11
N GLN A 84 -10.53 2.17 -1.18
CA GLN A 84 -10.99 3.54 -1.29
C GLN A 84 -10.27 4.22 -2.45
N ASP A 85 -10.91 5.23 -3.02
CA ASP A 85 -10.34 5.97 -4.16
C ASP A 85 -9.30 6.98 -3.68
N GLY A 86 -8.35 6.52 -2.90
CA GLY A 86 -7.31 7.38 -2.38
C GLY A 86 -6.61 6.74 -1.20
N THR A 87 -7.38 6.18 -0.29
CA THR A 87 -6.82 5.48 0.85
C THR A 87 -6.74 3.99 0.57
N VAL A 88 -5.53 3.44 0.64
CA VAL A 88 -5.34 2.01 0.52
C VAL A 88 -5.08 1.42 1.89
N ARG A 89 -5.69 0.28 2.19
CA ARG A 89 -5.55 -0.31 3.51
C ARG A 89 -4.80 -1.64 3.45
N ILE A 90 -3.88 -1.81 4.38
CA ILE A 90 -3.09 -3.03 4.47
C ILE A 90 -3.30 -3.68 5.83
N GLU A 91 -3.46 -4.99 5.83
CA GLU A 91 -3.65 -5.76 7.06
C GLU A 91 -2.31 -6.27 7.55
N VAL A 92 -1.94 -5.86 8.76
CA VAL A 92 -0.68 -6.27 9.34
C VAL A 92 -0.88 -7.38 10.35
N LEU A 93 -0.57 -8.60 9.94
CA LEU A 93 -0.64 -9.74 10.83
C LEU A 93 0.69 -9.88 11.57
N GLU A 94 0.79 -9.21 12.71
CA GLU A 94 2.00 -9.24 13.51
C GLU A 94 2.14 -10.56 14.23
N GLY A 95 1.01 -11.13 14.62
CA GLY A 95 0.99 -12.38 15.33
C GLY A 95 -0.10 -12.41 16.37
N MET A 1 -19.81 17.85 -19.30
CA MET A 1 -18.50 17.97 -19.97
C MET A 1 -17.37 17.60 -19.02
N ALA A 2 -16.91 16.34 -19.11
CA ALA A 2 -15.73 15.87 -18.39
C ALA A 2 -15.78 16.15 -16.89
N HIS A 3 -16.85 15.71 -16.23
CA HIS A 3 -16.95 15.86 -14.78
C HIS A 3 -16.46 14.60 -14.08
N HIS A 4 -15.25 14.19 -14.42
CA HIS A 4 -14.60 13.04 -13.79
C HIS A 4 -13.13 13.02 -14.15
N HIS A 5 -12.26 12.86 -13.16
CA HIS A 5 -10.83 12.84 -13.38
C HIS A 5 -10.14 12.08 -12.25
N HIS A 6 -10.20 10.76 -12.32
CA HIS A 6 -9.59 9.92 -11.31
C HIS A 6 -8.14 9.64 -11.66
N HIS A 7 -7.88 9.44 -12.95
CA HIS A 7 -6.54 9.19 -13.43
C HIS A 7 -5.68 10.43 -13.24
N HIS A 8 -4.46 10.22 -12.78
CA HIS A 8 -3.54 11.30 -12.51
C HIS A 8 -2.19 11.01 -13.15
N VAL A 9 -1.90 9.72 -13.32
CA VAL A 9 -0.63 9.30 -13.88
C VAL A 9 -0.85 8.23 -14.94
N ASP A 10 -1.43 7.11 -14.52
CA ASP A 10 -1.68 5.96 -15.40
C ASP A 10 -0.42 5.62 -16.20
N ASP A 11 0.68 5.44 -15.47
CA ASP A 11 1.96 5.12 -16.09
C ASP A 11 2.59 3.96 -15.34
N ASP A 12 1.79 2.94 -15.09
CA ASP A 12 2.23 1.78 -14.34
C ASP A 12 1.83 0.51 -15.07
N ASP A 13 2.63 -0.54 -14.91
CA ASP A 13 2.40 -1.81 -15.58
C ASP A 13 1.06 -2.41 -15.15
N LYS A 14 0.06 -2.23 -16.00
CA LYS A 14 -1.28 -2.68 -15.70
C LYS A 14 -1.52 -4.05 -16.31
N MET A 15 -0.89 -5.06 -15.71
CA MET A 15 -1.05 -6.43 -16.17
C MET A 15 -1.77 -7.28 -15.12
N GLY A 16 -1.39 -7.08 -13.86
CA GLY A 16 -2.00 -7.82 -12.77
C GLY A 16 -3.35 -7.25 -12.37
N GLY A 17 -3.65 -6.06 -12.87
CA GLY A 17 -4.93 -5.44 -12.57
C GLY A 17 -4.89 -3.95 -12.80
N PRO A 18 -6.07 -3.29 -12.83
CA PRO A 18 -6.17 -1.84 -13.04
C PRO A 18 -5.40 -1.03 -12.00
N THR A 19 -4.94 0.14 -12.40
CA THR A 19 -4.16 0.98 -11.51
C THR A 19 -5.04 1.76 -10.55
N VAL A 20 -4.60 1.86 -9.32
CA VAL A 20 -5.32 2.59 -8.30
C VAL A 20 -4.49 3.78 -7.84
N LEU A 21 -5.01 4.98 -8.01
CA LEU A 21 -4.35 6.16 -7.52
C LEU A 21 -4.32 6.16 -6.01
N VAL A 22 -3.12 6.10 -5.46
CA VAL A 22 -2.95 6.14 -4.02
C VAL A 22 -2.53 7.53 -3.60
N LYS A 23 -3.13 8.01 -2.53
CA LYS A 23 -2.78 9.30 -1.97
C LYS A 23 -2.26 9.13 -0.55
N ARG A 24 -2.66 8.04 0.08
CA ARG A 24 -2.16 7.70 1.41
C ARG A 24 -2.44 6.23 1.73
N PHE A 25 -1.63 5.67 2.60
CA PHE A 25 -1.80 4.29 3.03
C PHE A 25 -2.35 4.24 4.44
N GLN A 26 -3.16 3.25 4.71
CA GLN A 26 -3.70 3.03 6.04
C GLN A 26 -3.40 1.61 6.49
N LEU A 27 -2.83 1.46 7.67
CA LEU A 27 -2.49 0.15 8.19
C LEU A 27 -3.51 -0.27 9.23
N SER A 28 -3.93 -1.52 9.17
CA SER A 28 -4.92 -2.03 10.11
C SER A 28 -4.39 -3.26 10.81
N GLY A 29 -4.46 -3.27 12.14
CA GLY A 29 -4.01 -4.42 12.90
C GLY A 29 -2.60 -4.25 13.42
N ASN A 30 -1.91 -3.23 12.93
CA ASN A 30 -0.56 -2.93 13.36
C ASN A 30 -0.54 -2.48 14.82
N ARG A 31 0.52 -2.85 15.53
CA ARG A 31 0.68 -2.49 16.92
C ARG A 31 2.15 -2.22 17.23
N GLN A 32 3.02 -3.02 16.62
CA GLN A 32 4.45 -2.88 16.79
C GLN A 32 4.96 -1.59 16.15
N PHE A 33 4.46 -1.32 14.95
CA PHE A 33 4.76 -0.09 14.25
C PHE A 33 3.46 0.60 13.89
N ASP A 34 3.50 1.92 13.78
CA ASP A 34 2.30 2.69 13.47
C ASP A 34 2.25 3.00 11.98
N ASP A 35 1.14 3.56 11.52
CA ASP A 35 0.95 3.88 10.10
C ASP A 35 2.13 4.66 9.57
N ARG A 36 2.48 5.73 10.27
CA ARG A 36 3.54 6.65 9.83
C ARG A 36 4.85 5.92 9.58
N ARG A 37 5.12 4.87 10.36
CA ARG A 37 6.36 4.13 10.21
C ARG A 37 6.28 3.18 9.01
N LEU A 38 5.14 2.53 8.84
CA LEU A 38 4.98 1.60 7.74
C LEU A 38 4.77 2.32 6.41
N LEU A 39 4.23 3.53 6.50
CA LEU A 39 4.03 4.40 5.33
C LEU A 39 5.36 4.74 4.68
N ALA A 40 6.40 4.78 5.49
CA ALA A 40 7.75 5.07 5.00
C ALA A 40 8.23 4.01 4.01
N LEU A 41 7.64 2.82 4.08
CA LEU A 41 7.96 1.75 3.14
C LEU A 41 7.30 2.04 1.80
N LEU A 42 6.21 2.77 1.83
CA LEU A 42 5.46 3.10 0.63
C LEU A 42 5.70 4.55 0.25
N HIS A 43 6.73 5.14 0.86
CA HIS A 43 7.00 6.58 0.74
C HIS A 43 7.06 7.08 -0.70
N ASP A 44 7.32 6.19 -1.65
CA ASP A 44 7.50 6.59 -3.04
C ASP A 44 6.32 6.18 -3.91
N LEU A 45 5.33 5.53 -3.31
CA LEU A 45 4.22 4.97 -4.07
C LEU A 45 3.11 5.98 -4.37
N PRO A 46 2.54 6.67 -3.35
CA PRO A 46 1.35 7.46 -3.56
C PRO A 46 1.65 8.76 -4.31
N GLY A 47 0.64 9.29 -4.97
CA GLY A 47 0.85 10.36 -5.93
C GLY A 47 0.85 9.77 -7.32
N GLN A 48 1.05 8.47 -7.36
CA GLN A 48 1.03 7.70 -8.59
C GLN A 48 -0.13 6.71 -8.56
N GLU A 49 -0.36 6.04 -9.67
CA GLU A 49 -1.42 5.05 -9.75
C GLU A 49 -0.82 3.66 -9.78
N LEU A 50 -0.96 2.96 -8.66
CA LEU A 50 -0.35 1.66 -8.46
C LEU A 50 -1.31 0.56 -8.84
N ASN A 51 -0.87 -0.35 -9.72
CA ASN A 51 -1.70 -1.47 -10.13
C ASN A 51 -1.73 -2.55 -9.04
N LEU A 52 -2.64 -3.51 -9.18
CA LEU A 52 -2.84 -4.56 -8.18
C LEU A 52 -1.52 -5.18 -7.71
N SER A 53 -0.63 -5.49 -8.66
CA SER A 53 0.64 -6.12 -8.35
C SER A 53 1.43 -5.27 -7.35
N GLN A 54 1.51 -3.98 -7.59
CA GLN A 54 2.26 -3.08 -6.74
C GLN A 54 1.49 -2.77 -5.46
N LEU A 55 0.17 -2.90 -5.51
CA LEU A 55 -0.66 -2.70 -4.33
C LEU A 55 -0.30 -3.71 -3.25
N HIS A 56 -0.30 -4.99 -3.58
CA HIS A 56 0.03 -6.03 -2.61
C HIS A 56 1.53 -6.11 -2.37
N ALA A 57 2.31 -5.66 -3.35
CA ALA A 57 3.76 -5.57 -3.19
C ALA A 57 4.11 -4.57 -2.10
N ALA A 58 3.28 -3.55 -1.97
CA ALA A 58 3.42 -2.57 -0.91
C ALA A 58 3.30 -3.23 0.45
N ALA A 59 2.36 -4.16 0.55
CA ALA A 59 2.17 -4.93 1.77
C ALA A 59 3.36 -5.84 2.04
N ALA A 60 3.91 -6.39 0.97
CA ALA A 60 5.07 -7.27 1.07
C ALA A 60 6.29 -6.53 1.62
N ARG A 61 6.41 -5.25 1.25
CA ARG A 61 7.47 -4.39 1.78
C ARG A 61 7.39 -4.36 3.30
N ILE A 62 6.16 -4.26 3.79
CA ILE A 62 5.91 -4.15 5.22
C ILE A 62 6.09 -5.49 5.91
N GLY A 63 5.69 -6.55 5.23
CA GLY A 63 5.88 -7.88 5.76
C GLY A 63 7.34 -8.18 6.03
N ASP A 64 8.20 -7.89 5.06
CA ASP A 64 9.63 -8.10 5.21
C ASP A 64 10.21 -7.12 6.24
N PHE A 65 9.59 -5.94 6.33
CA PHE A 65 10.00 -4.93 7.31
C PHE A 65 9.92 -5.49 8.72
N TYR A 66 8.78 -6.10 9.03
CA TYR A 66 8.56 -6.71 10.33
C TYR A 66 9.57 -7.83 10.59
N GLN A 67 9.74 -8.70 9.60
CA GLN A 67 10.67 -9.82 9.70
C GLN A 67 12.08 -9.32 10.01
N GLU A 68 12.45 -8.21 9.37
CA GLU A 68 13.76 -7.60 9.54
C GLU A 68 13.93 -7.11 10.98
N LYS A 69 12.82 -6.73 11.60
CA LYS A 69 12.84 -6.22 12.97
C LYS A 69 12.68 -7.34 13.98
N GLY A 70 12.70 -8.58 13.49
CA GLY A 70 12.62 -9.73 14.37
C GLY A 70 11.27 -10.38 14.36
N TYR A 71 10.29 -9.72 13.79
CA TYR A 71 8.93 -10.23 13.73
C TYR A 71 8.77 -11.09 12.47
N VAL A 72 9.41 -12.24 12.46
CA VAL A 72 9.41 -13.13 11.31
C VAL A 72 8.04 -13.77 11.13
N LEU A 73 7.30 -13.86 12.23
CA LEU A 73 5.96 -14.43 12.21
C LEU A 73 4.94 -13.39 11.72
N ALA A 74 5.41 -12.16 11.54
CA ALA A 74 4.55 -11.07 11.14
C ALA A 74 4.64 -10.79 9.66
N ARG A 75 3.49 -10.61 9.03
CA ARG A 75 3.41 -10.25 7.62
C ARG A 75 2.27 -9.26 7.42
N ALA A 76 2.27 -8.60 6.27
CA ALA A 76 1.23 -7.64 5.96
C ALA A 76 0.63 -7.97 4.61
N PHE A 77 -0.69 -7.87 4.52
CA PHE A 77 -1.37 -8.17 3.26
C PHE A 77 -2.37 -7.07 2.94
N LEU A 78 -2.51 -6.75 1.67
CA LEU A 78 -3.46 -5.75 1.24
C LEU A 78 -4.74 -6.44 0.80
N PRO A 79 -5.83 -6.28 1.56
CA PRO A 79 -7.14 -6.85 1.22
C PRO A 79 -7.62 -6.36 -0.14
N ALA A 80 -7.66 -7.28 -1.10
CA ALA A 80 -8.02 -6.95 -2.48
C ALA A 80 -9.52 -7.01 -2.69
N GLN A 81 -10.25 -7.38 -1.65
CA GLN A 81 -11.70 -7.43 -1.73
C GLN A 81 -12.28 -6.03 -1.54
N GLU A 82 -12.65 -5.40 -2.65
CA GLU A 82 -13.17 -4.05 -2.66
C GLU A 82 -12.12 -3.06 -2.12
N ILE A 83 -11.08 -2.85 -2.93
CA ILE A 83 -10.04 -1.90 -2.60
C ILE A 83 -10.56 -0.47 -2.71
N GLN A 84 -10.13 0.39 -1.81
CA GLN A 84 -10.50 1.79 -1.85
C GLN A 84 -9.49 2.57 -2.69
N ASP A 85 -9.90 3.74 -3.16
CA ASP A 85 -9.02 4.57 -3.97
C ASP A 85 -8.56 5.77 -3.16
N GLY A 86 -7.37 6.27 -3.45
CA GLY A 86 -6.80 7.34 -2.67
C GLY A 86 -6.24 6.83 -1.35
N THR A 87 -7.12 6.35 -0.49
CA THR A 87 -6.70 5.73 0.75
C THR A 87 -6.78 4.22 0.59
N VAL A 88 -5.65 3.55 0.75
CA VAL A 88 -5.61 2.11 0.63
C VAL A 88 -5.23 1.49 1.96
N ARG A 89 -5.99 0.49 2.38
CA ARG A 89 -5.77 -0.08 3.69
C ARG A 89 -5.11 -1.45 3.59
N ILE A 90 -4.03 -1.61 4.33
CA ILE A 90 -3.30 -2.86 4.38
C ILE A 90 -3.42 -3.44 5.79
N GLU A 91 -3.68 -4.73 5.88
CA GLU A 91 -3.82 -5.37 7.18
C GLU A 91 -2.52 -6.03 7.60
N VAL A 92 -2.09 -5.71 8.80
CA VAL A 92 -0.84 -6.24 9.34
C VAL A 92 -1.13 -7.35 10.34
N LEU A 93 -0.54 -8.51 10.10
CA LEU A 93 -0.67 -9.63 11.01
C LEU A 93 0.63 -9.85 11.75
N GLU A 94 0.69 -9.36 12.98
CA GLU A 94 1.91 -9.41 13.77
C GLU A 94 2.01 -10.72 14.55
N GLY A 95 1.51 -11.80 13.95
CA GLY A 95 1.55 -13.09 14.58
C GLY A 95 0.35 -13.31 15.49
N MET A 1 4.94 13.99 -29.83
CA MET A 1 4.39 13.15 -28.75
C MET A 1 3.58 13.97 -27.77
N ALA A 2 2.30 13.62 -27.62
CA ALA A 2 1.43 14.31 -26.69
C ALA A 2 1.65 13.82 -25.27
N HIS A 3 2.38 14.61 -24.50
CA HIS A 3 2.72 14.24 -23.12
C HIS A 3 1.88 15.01 -22.12
N HIS A 4 0.60 15.15 -22.42
CA HIS A 4 -0.32 15.87 -21.54
C HIS A 4 -0.46 15.13 -20.21
N HIS A 5 -0.19 15.84 -19.12
CA HIS A 5 -0.27 15.27 -17.79
C HIS A 5 -1.69 14.76 -17.50
N HIS A 6 -1.76 13.52 -17.09
CA HIS A 6 -3.04 12.90 -16.75
C HIS A 6 -3.25 12.97 -15.24
N HIS A 7 -4.51 13.00 -14.82
CA HIS A 7 -4.83 12.95 -13.39
C HIS A 7 -4.44 11.59 -12.84
N HIS A 8 -4.44 10.60 -13.72
CA HIS A 8 -3.92 9.28 -13.39
C HIS A 8 -2.41 9.29 -13.58
N VAL A 9 -1.69 9.70 -12.54
CA VAL A 9 -0.25 9.85 -12.62
C VAL A 9 0.44 8.49 -12.77
N ASP A 10 1.05 8.28 -13.93
CA ASP A 10 1.75 7.05 -14.26
C ASP A 10 0.83 5.84 -14.09
N ASP A 11 -0.14 5.73 -14.97
CA ASP A 11 -1.14 4.67 -14.90
C ASP A 11 -0.78 3.52 -15.83
N ASP A 12 -1.21 2.33 -15.46
CA ASP A 12 -1.02 1.14 -16.28
C ASP A 12 -2.38 0.64 -16.76
N ASP A 13 -2.40 -0.04 -17.89
CA ASP A 13 -3.66 -0.52 -18.47
C ASP A 13 -4.43 -1.38 -17.47
N LYS A 14 -3.91 -2.58 -17.22
CA LYS A 14 -4.51 -3.49 -16.26
C LYS A 14 -3.52 -4.61 -15.96
N MET A 15 -2.48 -4.28 -15.21
CA MET A 15 -1.44 -5.25 -14.87
C MET A 15 -1.69 -5.79 -13.47
N GLY A 16 -2.43 -6.89 -13.40
CA GLY A 16 -2.81 -7.45 -12.13
C GLY A 16 -4.09 -6.82 -11.60
N GLY A 17 -4.51 -5.76 -12.28
CA GLY A 17 -5.71 -5.04 -11.88
C GLY A 17 -5.59 -3.57 -12.20
N PRO A 18 -6.73 -2.86 -12.33
CA PRO A 18 -6.75 -1.42 -12.61
C PRO A 18 -6.02 -0.61 -11.54
N THR A 19 -5.25 0.37 -11.99
CA THR A 19 -4.41 1.15 -11.10
C THR A 19 -5.22 2.08 -10.21
N VAL A 20 -4.79 2.20 -8.97
CA VAL A 20 -5.44 3.07 -8.01
C VAL A 20 -4.57 4.26 -7.69
N LEU A 21 -5.11 5.46 -7.82
CA LEU A 21 -4.39 6.67 -7.43
C LEU A 21 -4.33 6.74 -5.92
N VAL A 22 -3.27 6.20 -5.37
CA VAL A 22 -3.13 6.08 -3.93
C VAL A 22 -2.90 7.44 -3.30
N LYS A 23 -3.76 7.79 -2.35
CA LYS A 23 -3.62 9.02 -1.60
C LYS A 23 -2.60 8.82 -0.49
N ARG A 24 -2.68 7.65 0.12
CA ARG A 24 -1.80 7.27 1.22
C ARG A 24 -2.08 5.83 1.60
N PHE A 25 -1.22 5.28 2.44
CA PHE A 25 -1.37 3.92 2.91
C PHE A 25 -1.84 3.90 4.35
N GLN A 26 -2.94 3.21 4.58
CA GLN A 26 -3.52 3.10 5.91
C GLN A 26 -3.22 1.71 6.45
N LEU A 27 -2.67 1.63 7.64
CA LEU A 27 -2.30 0.35 8.21
C LEU A 27 -3.31 -0.07 9.26
N SER A 28 -3.71 -1.32 9.20
CA SER A 28 -4.70 -1.86 10.12
C SER A 28 -4.16 -3.12 10.77
N GLY A 29 -4.34 -3.23 12.08
CA GLY A 29 -3.87 -4.41 12.79
C GLY A 29 -2.46 -4.26 13.32
N ASN A 30 -1.79 -3.22 12.87
CA ASN A 30 -0.43 -2.93 13.32
C ASN A 30 -0.43 -2.37 14.73
N ARG A 31 0.51 -2.82 15.54
CA ARG A 31 0.64 -2.32 16.90
C ARG A 31 2.08 -1.88 17.19
N GLN A 32 3.03 -2.70 16.78
CA GLN A 32 4.43 -2.42 17.03
C GLN A 32 4.87 -1.16 16.31
N PHE A 33 4.41 -1.02 15.08
CA PHE A 33 4.71 0.16 14.28
C PHE A 33 3.40 0.78 13.80
N ASP A 34 3.27 2.09 13.93
CA ASP A 34 2.03 2.74 13.53
C ASP A 34 2.10 3.15 12.06
N ASP A 35 1.00 3.73 11.56
CA ASP A 35 0.88 4.12 10.15
C ASP A 35 2.10 4.88 9.66
N ARG A 36 2.51 5.88 10.44
CA ARG A 36 3.58 6.79 10.05
C ARG A 36 4.85 6.05 9.68
N ARG A 37 5.15 5.00 10.42
CA ARG A 37 6.38 4.25 10.21
C ARG A 37 6.26 3.34 8.99
N LEU A 38 5.09 2.74 8.82
CA LEU A 38 4.90 1.75 7.77
C LEU A 38 4.63 2.41 6.41
N LEU A 39 3.97 3.57 6.41
CA LEU A 39 3.67 4.25 5.16
C LEU A 39 4.94 4.79 4.51
N ALA A 40 6.00 4.90 5.30
CA ALA A 40 7.29 5.34 4.78
C ALA A 40 7.89 4.27 3.89
N LEU A 41 7.48 3.02 4.08
CA LEU A 41 7.90 1.92 3.23
C LEU A 41 7.32 2.09 1.83
N LEU A 42 6.23 2.84 1.75
CA LEU A 42 5.55 3.07 0.49
C LEU A 42 5.69 4.52 0.07
N HIS A 43 6.59 5.24 0.73
CA HIS A 43 6.74 6.69 0.55
C HIS A 43 6.86 7.13 -0.92
N ASP A 44 7.26 6.20 -1.79
CA ASP A 44 7.50 6.55 -3.19
C ASP A 44 6.28 6.24 -4.06
N LEU A 45 5.29 5.58 -3.48
CA LEU A 45 4.16 5.07 -4.25
C LEU A 45 3.01 6.08 -4.41
N PRO A 46 2.42 6.61 -3.32
CA PRO A 46 1.18 7.38 -3.43
C PRO A 46 1.39 8.72 -4.12
N GLY A 47 0.32 9.25 -4.68
CA GLY A 47 0.42 10.37 -5.58
C GLY A 47 0.43 9.90 -7.01
N GLN A 48 0.67 8.60 -7.16
CA GLN A 48 0.63 7.95 -8.45
C GLN A 48 -0.42 6.85 -8.45
N GLU A 49 -0.66 6.28 -9.61
CA GLU A 49 -1.60 5.18 -9.73
C GLU A 49 -0.87 3.85 -9.70
N LEU A 50 -1.03 3.13 -8.61
CA LEU A 50 -0.39 1.84 -8.43
C LEU A 50 -1.37 0.73 -8.77
N ASN A 51 -0.92 -0.22 -9.58
CA ASN A 51 -1.76 -1.36 -9.96
C ASN A 51 -1.87 -2.35 -8.82
N LEU A 52 -2.85 -3.25 -8.90
CA LEU A 52 -3.10 -4.22 -7.83
C LEU A 52 -1.83 -4.98 -7.45
N SER A 53 -1.08 -5.40 -8.45
CA SER A 53 0.17 -6.11 -8.22
C SER A 53 1.10 -5.28 -7.34
N GLN A 54 1.29 -4.02 -7.71
CA GLN A 54 2.13 -3.11 -6.95
C GLN A 54 1.52 -2.78 -5.59
N LEU A 55 0.20 -2.82 -5.51
CA LEU A 55 -0.50 -2.61 -4.24
C LEU A 55 -0.17 -3.74 -3.27
N HIS A 56 -0.17 -4.97 -3.76
CA HIS A 56 0.16 -6.12 -2.93
C HIS A 56 1.66 -6.15 -2.63
N ALA A 57 2.46 -5.69 -3.57
CA ALA A 57 3.90 -5.61 -3.40
C ALA A 57 4.24 -4.61 -2.30
N ALA A 58 3.40 -3.59 -2.17
CA ALA A 58 3.55 -2.60 -1.11
C ALA A 58 3.44 -3.25 0.26
N ALA A 59 2.49 -4.17 0.40
CA ALA A 59 2.28 -4.89 1.65
C ALA A 59 3.47 -5.78 1.97
N ALA A 60 4.08 -6.32 0.92
CA ALA A 60 5.24 -7.20 1.07
C ALA A 60 6.40 -6.46 1.70
N ARG A 61 6.55 -5.17 1.35
CA ARG A 61 7.60 -4.34 1.93
C ARG A 61 7.46 -4.29 3.44
N ILE A 62 6.24 -4.18 3.90
CA ILE A 62 5.95 -4.05 5.33
C ILE A 62 6.04 -5.40 6.02
N GLY A 63 5.64 -6.43 5.30
CA GLY A 63 5.75 -7.77 5.82
C GLY A 63 7.19 -8.14 6.12
N ASP A 64 8.09 -7.85 5.19
CA ASP A 64 9.51 -8.09 5.38
C ASP A 64 10.09 -7.10 6.38
N PHE A 65 9.45 -5.95 6.52
CA PHE A 65 9.87 -4.96 7.49
C PHE A 65 9.81 -5.54 8.90
N TYR A 66 8.68 -6.15 9.21
CA TYR A 66 8.49 -6.82 10.49
C TYR A 66 9.49 -7.97 10.64
N GLN A 67 9.67 -8.72 9.57
CA GLN A 67 10.60 -9.86 9.58
C GLN A 67 12.02 -9.40 9.87
N GLU A 68 12.38 -8.22 9.36
CA GLU A 68 13.69 -7.64 9.63
C GLU A 68 13.86 -7.37 11.12
N LYS A 69 12.77 -6.99 11.76
CA LYS A 69 12.79 -6.64 13.17
C LYS A 69 12.69 -7.87 14.05
N GLY A 70 12.71 -9.04 13.42
CA GLY A 70 12.68 -10.29 14.15
C GLY A 70 11.30 -10.90 14.22
N TYR A 71 10.32 -10.19 13.68
CA TYR A 71 8.95 -10.68 13.69
C TYR A 71 8.69 -11.54 12.46
N VAL A 72 9.22 -12.75 12.49
CA VAL A 72 9.11 -13.68 11.37
C VAL A 72 7.70 -14.24 11.27
N LEU A 73 7.00 -14.23 12.41
CA LEU A 73 5.62 -14.71 12.45
C LEU A 73 4.66 -13.64 11.97
N ALA A 74 5.19 -12.48 11.65
CA ALA A 74 4.38 -11.35 11.21
C ALA A 74 4.46 -11.18 9.70
N ARG A 75 3.37 -10.72 9.10
CA ARG A 75 3.32 -10.46 7.68
C ARG A 75 2.16 -9.51 7.37
N ALA A 76 2.40 -8.53 6.53
CA ALA A 76 1.38 -7.57 6.15
C ALA A 76 0.77 -7.95 4.81
N PHE A 77 -0.54 -7.80 4.68
CA PHE A 77 -1.22 -8.13 3.43
C PHE A 77 -2.24 -7.05 3.09
N LEU A 78 -2.56 -6.94 1.81
CA LEU A 78 -3.50 -5.94 1.34
C LEU A 78 -4.78 -6.60 0.86
N PRO A 79 -5.87 -6.48 1.65
CA PRO A 79 -7.16 -7.10 1.34
C PRO A 79 -7.91 -6.33 0.25
N ALA A 80 -7.58 -6.62 -1.00
CA ALA A 80 -8.17 -5.92 -2.13
C ALA A 80 -9.59 -6.42 -2.41
N GLN A 81 -10.54 -5.96 -1.60
CA GLN A 81 -11.94 -6.33 -1.78
C GLN A 81 -12.87 -5.18 -1.41
N GLU A 82 -12.72 -4.66 -0.19
CA GLU A 82 -13.56 -3.57 0.28
C GLU A 82 -12.73 -2.34 0.61
N ILE A 83 -11.68 -2.11 -0.17
CA ILE A 83 -10.83 -0.94 0.01
C ILE A 83 -11.31 0.21 -0.85
N GLN A 84 -11.51 1.36 -0.22
CA GLN A 84 -11.92 2.57 -0.91
C GLN A 84 -10.84 3.03 -1.89
N ASP A 85 -11.22 3.92 -2.79
CA ASP A 85 -10.27 4.46 -3.76
C ASP A 85 -9.45 5.58 -3.12
N GLY A 86 -8.23 5.73 -3.59
CA GLY A 86 -7.32 6.71 -3.01
C GLY A 86 -6.52 6.14 -1.86
N THR A 87 -7.04 6.24 -0.65
CA THR A 87 -6.36 5.65 0.50
C THR A 87 -6.49 4.13 0.47
N VAL A 88 -5.35 3.46 0.44
CA VAL A 88 -5.35 2.00 0.43
C VAL A 88 -5.00 1.48 1.82
N ARG A 89 -5.70 0.44 2.26
CA ARG A 89 -5.49 -0.10 3.59
C ARG A 89 -4.75 -1.43 3.53
N ILE A 90 -3.69 -1.52 4.31
CA ILE A 90 -2.92 -2.75 4.43
C ILE A 90 -3.06 -3.29 5.84
N GLU A 91 -3.38 -4.57 5.95
CA GLU A 91 -3.54 -5.19 7.26
C GLU A 91 -2.24 -5.86 7.69
N VAL A 92 -1.79 -5.49 8.87
CA VAL A 92 -0.54 -6.00 9.40
C VAL A 92 -0.81 -7.13 10.39
N LEU A 93 -0.60 -8.34 9.95
CA LEU A 93 -0.75 -9.49 10.82
C LEU A 93 0.55 -9.72 11.59
N GLU A 94 0.63 -9.15 12.79
CA GLU A 94 1.82 -9.28 13.61
C GLU A 94 1.94 -10.70 14.17
N GLY A 95 0.82 -11.41 14.15
CA GLY A 95 0.79 -12.77 14.65
C GLY A 95 -0.62 -13.20 14.97
N MET A 1 -14.31 2.15 -18.84
CA MET A 1 -15.67 2.71 -18.76
C MET A 1 -15.89 3.40 -17.41
N ALA A 2 -15.85 2.62 -16.33
CA ALA A 2 -16.11 3.15 -15.00
C ALA A 2 -14.82 3.67 -14.36
N HIS A 3 -14.49 4.92 -14.65
CA HIS A 3 -13.29 5.53 -14.11
C HIS A 3 -13.54 6.09 -12.72
N HIS A 4 -13.37 5.25 -11.71
CA HIS A 4 -13.55 5.68 -10.33
C HIS A 4 -12.36 6.50 -9.87
N HIS A 5 -11.17 6.10 -10.33
CA HIS A 5 -9.96 6.84 -10.01
C HIS A 5 -9.75 7.97 -11.01
N HIS A 6 -9.57 9.17 -10.50
CA HIS A 6 -9.36 10.34 -11.35
C HIS A 6 -7.96 10.90 -11.13
N HIS A 7 -7.62 11.99 -11.83
CA HIS A 7 -6.28 12.57 -11.77
C HIS A 7 -5.25 11.53 -12.19
N HIS A 8 -5.31 11.14 -13.45
CA HIS A 8 -4.54 10.02 -13.95
C HIS A 8 -3.05 10.33 -14.04
N VAL A 9 -2.26 9.33 -13.70
CA VAL A 9 -0.82 9.38 -13.83
C VAL A 9 -0.41 8.37 -14.89
N ASP A 10 -1.07 7.21 -14.86
CA ASP A 10 -0.88 6.14 -15.84
C ASP A 10 -1.64 4.89 -15.39
N ASP A 11 -2.56 4.43 -16.23
CA ASP A 11 -3.36 3.25 -15.91
C ASP A 11 -3.05 2.14 -16.94
N ASP A 12 -1.86 2.20 -17.51
CA ASP A 12 -1.45 1.21 -18.50
C ASP A 12 -0.92 -0.03 -17.80
N ASP A 13 -0.21 0.18 -16.69
CA ASP A 13 0.22 -0.93 -15.85
C ASP A 13 -0.95 -1.46 -15.02
N LYS A 14 -1.91 -2.06 -15.71
CA LYS A 14 -3.13 -2.52 -15.08
C LYS A 14 -3.09 -4.01 -14.80
N MET A 15 -3.24 -4.80 -15.86
CA MET A 15 -3.28 -6.26 -15.78
C MET A 15 -4.32 -6.74 -14.77
N GLY A 16 -5.58 -6.68 -15.15
CA GLY A 16 -6.64 -7.11 -14.27
C GLY A 16 -7.42 -5.94 -13.70
N GLY A 17 -7.10 -5.59 -12.46
CA GLY A 17 -7.82 -4.51 -11.80
C GLY A 17 -7.24 -3.15 -12.14
N PRO A 18 -8.11 -2.17 -12.41
CA PRO A 18 -7.70 -0.78 -12.69
C PRO A 18 -6.84 -0.20 -11.58
N THR A 19 -5.90 0.67 -11.95
CA THR A 19 -4.97 1.24 -11.02
C THR A 19 -5.68 2.11 -9.98
N VAL A 20 -5.22 2.02 -8.75
CA VAL A 20 -5.75 2.84 -7.68
C VAL A 20 -4.82 4.02 -7.45
N LEU A 21 -5.36 5.22 -7.58
CA LEU A 21 -4.59 6.42 -7.30
C LEU A 21 -4.36 6.54 -5.81
N VAL A 22 -3.26 6.00 -5.35
CA VAL A 22 -2.94 5.99 -3.94
C VAL A 22 -2.63 7.40 -3.47
N LYS A 23 -3.49 7.91 -2.62
CA LYS A 23 -3.28 9.21 -2.01
C LYS A 23 -2.57 9.03 -0.67
N ARG A 24 -2.85 7.91 -0.02
CA ARG A 24 -2.25 7.59 1.27
C ARG A 24 -2.43 6.12 1.59
N PHE A 25 -1.59 5.61 2.48
CA PHE A 25 -1.70 4.24 2.95
C PHE A 25 -2.28 4.22 4.36
N GLN A 26 -3.11 3.24 4.63
CA GLN A 26 -3.70 3.08 5.95
C GLN A 26 -3.38 1.69 6.47
N LEU A 27 -2.85 1.62 7.69
CA LEU A 27 -2.45 0.33 8.26
C LEU A 27 -3.48 -0.13 9.29
N SER A 28 -3.87 -1.37 9.19
CA SER A 28 -4.87 -1.93 10.08
C SER A 28 -4.33 -3.21 10.72
N GLY A 29 -4.37 -3.27 12.05
CA GLY A 29 -3.91 -4.46 12.74
C GLY A 29 -2.51 -4.28 13.31
N ASN A 30 -1.81 -3.26 12.83
CA ASN A 30 -0.46 -2.97 13.28
C ASN A 30 -0.48 -2.41 14.71
N ARG A 31 0.43 -2.90 15.54
CA ARG A 31 0.53 -2.43 16.91
C ARG A 31 1.97 -2.05 17.25
N GLN A 32 2.92 -2.85 16.75
CA GLN A 32 4.33 -2.62 17.02
C GLN A 32 4.81 -1.35 16.32
N PHE A 33 4.33 -1.15 15.10
CA PHE A 33 4.70 0.02 14.31
C PHE A 33 3.45 0.72 13.83
N ASP A 34 3.43 2.04 13.97
CA ASP A 34 2.27 2.85 13.63
C ASP A 34 2.17 3.08 12.13
N ASP A 35 1.10 3.75 11.70
CA ASP A 35 0.85 4.01 10.29
C ASP A 35 2.03 4.75 9.66
N ARG A 36 2.36 5.90 10.22
CA ARG A 36 3.40 6.77 9.67
C ARG A 36 4.73 6.04 9.57
N ARG A 37 5.00 5.16 10.52
CA ARG A 37 6.21 4.35 10.51
C ARG A 37 6.23 3.44 9.28
N LEU A 38 5.10 2.79 9.01
CA LEU A 38 4.99 1.86 7.90
C LEU A 38 4.83 2.60 6.58
N LEU A 39 4.25 3.80 6.64
CA LEU A 39 4.06 4.66 5.47
C LEU A 39 5.39 4.94 4.78
N ALA A 40 6.45 5.07 5.56
CA ALA A 40 7.77 5.33 5.04
C ALA A 40 8.24 4.21 4.12
N LEU A 41 7.71 3.01 4.30
CA LEU A 41 8.04 1.89 3.44
C LEU A 41 7.43 2.10 2.05
N LEU A 42 6.34 2.83 2.00
CA LEU A 42 5.65 3.08 0.74
C LEU A 42 5.88 4.51 0.29
N HIS A 43 6.85 5.17 0.92
CA HIS A 43 7.12 6.60 0.72
C HIS A 43 7.21 7.02 -0.76
N ASP A 44 7.56 6.08 -1.64
CA ASP A 44 7.79 6.42 -3.04
C ASP A 44 6.64 5.95 -3.94
N LEU A 45 5.58 5.44 -3.33
CA LEU A 45 4.49 4.84 -4.10
C LEU A 45 3.33 5.80 -4.39
N PRO A 46 2.76 6.50 -3.38
CA PRO A 46 1.52 7.25 -3.58
C PRO A 46 1.75 8.54 -4.36
N GLY A 47 0.70 9.02 -4.98
CA GLY A 47 0.82 10.10 -5.93
C GLY A 47 0.83 9.55 -7.34
N GLN A 48 0.84 8.22 -7.41
CA GLN A 48 0.77 7.49 -8.66
C GLN A 48 -0.44 6.59 -8.64
N GLU A 49 -0.76 6.00 -9.78
CA GLU A 49 -1.86 5.05 -9.86
C GLU A 49 -1.30 3.63 -9.84
N LEU A 50 -1.49 2.96 -8.71
CA LEU A 50 -0.93 1.64 -8.50
C LEU A 50 -1.99 0.57 -8.71
N ASN A 51 -1.73 -0.37 -9.62
CA ASN A 51 -2.65 -1.47 -9.88
C ASN A 51 -2.63 -2.46 -8.73
N LEU A 52 -3.61 -3.35 -8.71
CA LEU A 52 -3.76 -4.34 -7.63
C LEU A 52 -2.43 -5.05 -7.34
N SER A 53 -1.76 -5.48 -8.40
CA SER A 53 -0.47 -6.14 -8.29
C SER A 53 0.50 -5.34 -7.42
N GLN A 54 0.67 -4.07 -7.76
CA GLN A 54 1.60 -3.19 -7.05
C GLN A 54 1.05 -2.80 -5.68
N LEU A 55 -0.27 -2.86 -5.53
CA LEU A 55 -0.89 -2.54 -4.25
C LEU A 55 -0.49 -3.53 -3.17
N HIS A 56 -0.67 -4.82 -3.43
CA HIS A 56 -0.32 -5.84 -2.44
C HIS A 56 1.19 -6.00 -2.34
N ALA A 57 1.89 -5.65 -3.40
CA ALA A 57 3.36 -5.67 -3.39
C ALA A 57 3.89 -4.71 -2.34
N ALA A 58 3.18 -3.60 -2.14
CA ALA A 58 3.54 -2.62 -1.13
C ALA A 58 3.48 -3.22 0.26
N ALA A 59 2.54 -4.14 0.45
CA ALA A 59 2.37 -4.80 1.74
C ALA A 59 3.55 -5.71 2.05
N ALA A 60 4.15 -6.25 1.00
CA ALA A 60 5.30 -7.12 1.15
C ALA A 60 6.49 -6.37 1.74
N ARG A 61 6.55 -5.07 1.47
CA ARG A 61 7.58 -4.21 2.02
C ARG A 61 7.47 -4.16 3.54
N ILE A 62 6.23 -4.12 4.01
CA ILE A 62 5.95 -4.01 5.44
C ILE A 62 6.11 -5.37 6.11
N GLY A 63 5.71 -6.42 5.40
CA GLY A 63 5.91 -7.75 5.91
C GLY A 63 7.38 -8.04 6.13
N ASP A 64 8.19 -7.69 5.13
CA ASP A 64 9.64 -7.82 5.22
C ASP A 64 10.20 -6.93 6.32
N PHE A 65 9.63 -5.74 6.46
CA PHE A 65 10.01 -4.80 7.51
C PHE A 65 9.96 -5.48 8.88
N TYR A 66 8.81 -6.07 9.19
CA TYR A 66 8.63 -6.77 10.45
C TYR A 66 9.61 -7.92 10.60
N GLN A 67 9.86 -8.64 9.50
CA GLN A 67 10.77 -9.78 9.52
C GLN A 67 12.18 -9.34 9.90
N GLU A 68 12.61 -8.18 9.43
CA GLU A 68 13.93 -7.66 9.76
C GLU A 68 13.99 -7.24 11.22
N LYS A 69 12.83 -7.02 11.81
CA LYS A 69 12.75 -6.66 13.22
C LYS A 69 12.60 -7.90 14.08
N GLY A 70 12.73 -9.07 13.45
CA GLY A 70 12.66 -10.32 14.17
C GLY A 70 11.29 -10.95 14.12
N TYR A 71 10.33 -10.22 13.60
CA TYR A 71 8.96 -10.72 13.52
C TYR A 71 8.76 -11.47 12.21
N VAL A 72 9.33 -12.67 12.16
CA VAL A 72 9.30 -13.48 10.95
C VAL A 72 7.90 -14.02 10.70
N LEU A 73 7.14 -14.22 11.77
CA LEU A 73 5.77 -14.72 11.66
C LEU A 73 4.80 -13.60 11.33
N ALA A 74 5.32 -12.38 11.27
CA ALA A 74 4.51 -11.22 10.95
C ALA A 74 4.51 -10.97 9.45
N ARG A 75 3.35 -10.68 8.92
CA ARG A 75 3.20 -10.42 7.50
C ARG A 75 2.07 -9.43 7.26
N ALA A 76 2.35 -8.42 6.46
CA ALA A 76 1.34 -7.45 6.09
C ALA A 76 0.78 -7.79 4.71
N PHE A 77 -0.53 -7.67 4.57
CA PHE A 77 -1.19 -7.94 3.31
C PHE A 77 -2.24 -6.88 3.02
N LEU A 78 -2.57 -6.69 1.77
CA LEU A 78 -3.54 -5.68 1.40
C LEU A 78 -4.81 -6.36 0.88
N PRO A 79 -5.90 -6.31 1.66
CA PRO A 79 -7.16 -6.93 1.28
C PRO A 79 -7.78 -6.28 0.06
N ALA A 80 -7.70 -6.97 -1.08
CA ALA A 80 -8.23 -6.46 -2.34
C ALA A 80 -9.73 -6.68 -2.41
N GLN A 81 -10.46 -6.03 -1.52
CA GLN A 81 -11.90 -6.15 -1.48
C GLN A 81 -12.52 -4.78 -1.75
N GLU A 82 -12.57 -4.41 -3.03
CA GLU A 82 -13.11 -3.11 -3.44
C GLU A 82 -12.33 -1.97 -2.81
N ILE A 83 -11.05 -1.90 -3.15
CA ILE A 83 -10.15 -0.89 -2.60
C ILE A 83 -10.61 0.51 -2.99
N GLN A 84 -10.55 1.43 -2.03
CA GLN A 84 -10.90 2.82 -2.25
C GLN A 84 -10.01 3.43 -3.32
N ASP A 85 -10.55 4.35 -4.10
CA ASP A 85 -9.83 4.94 -5.22
C ASP A 85 -8.86 6.03 -4.75
N GLY A 86 -8.29 5.83 -3.57
CA GLY A 86 -7.39 6.81 -3.01
C GLY A 86 -6.69 6.29 -1.78
N THR A 87 -7.46 5.77 -0.84
CA THR A 87 -6.91 5.22 0.39
C THR A 87 -6.79 3.71 0.29
N VAL A 88 -5.58 3.21 0.44
CA VAL A 88 -5.34 1.78 0.45
C VAL A 88 -5.12 1.31 1.88
N ARG A 89 -5.75 0.21 2.24
CA ARG A 89 -5.64 -0.27 3.61
C ARG A 89 -4.86 -1.59 3.65
N ILE A 90 -3.72 -1.55 4.29
CA ILE A 90 -2.90 -2.73 4.45
C ILE A 90 -3.06 -3.29 5.86
N GLU A 91 -3.40 -4.55 5.96
CA GLU A 91 -3.60 -5.20 7.24
C GLU A 91 -2.32 -5.89 7.68
N VAL A 92 -1.87 -5.55 8.86
CA VAL A 92 -0.62 -6.05 9.39
C VAL A 92 -0.87 -7.17 10.39
N LEU A 93 -0.70 -8.41 9.93
CA LEU A 93 -0.84 -9.55 10.81
C LEU A 93 0.49 -9.82 11.50
N GLU A 94 0.66 -9.20 12.66
CA GLU A 94 1.91 -9.31 13.41
C GLU A 94 2.10 -10.72 13.95
N GLY A 95 0.99 -11.40 14.18
CA GLY A 95 1.03 -12.76 14.66
C GLY A 95 0.12 -12.96 15.84
N MET A 1 -12.14 23.82 -8.86
CA MET A 1 -11.21 23.86 -10.01
C MET A 1 -9.85 23.32 -9.61
N ALA A 2 -9.75 22.00 -9.50
CA ALA A 2 -8.50 21.34 -9.15
C ALA A 2 -8.28 20.13 -10.06
N HIS A 3 -9.08 20.04 -11.10
CA HIS A 3 -8.99 18.93 -12.06
C HIS A 3 -7.90 19.23 -13.07
N HIS A 4 -7.28 18.17 -13.59
CA HIS A 4 -6.10 18.29 -14.46
C HIS A 4 -5.00 19.03 -13.72
N HIS A 5 -4.84 18.68 -12.44
CA HIS A 5 -3.81 19.27 -11.60
C HIS A 5 -3.65 18.46 -10.32
N HIS A 6 -4.73 17.88 -9.83
CA HIS A 6 -4.71 17.06 -8.63
C HIS A 6 -3.86 15.80 -8.87
N HIS A 7 -3.93 15.26 -10.08
CA HIS A 7 -3.07 14.16 -10.46
C HIS A 7 -2.53 14.36 -11.87
N HIS A 8 -1.22 14.48 -11.98
CA HIS A 8 -0.57 14.60 -13.28
C HIS A 8 -0.23 13.21 -13.80
N VAL A 9 -0.46 12.22 -12.95
CA VAL A 9 -0.26 10.84 -13.32
C VAL A 9 -1.51 10.28 -14.01
N ASP A 10 -1.31 9.38 -14.95
CA ASP A 10 -2.42 8.71 -15.63
C ASP A 10 -2.16 7.21 -15.67
N ASP A 11 -3.01 6.48 -16.38
CA ASP A 11 -2.85 5.03 -16.53
C ASP A 11 -1.60 4.69 -17.32
N ASP A 12 -0.48 4.58 -16.63
CA ASP A 12 0.78 4.24 -17.26
C ASP A 12 0.84 2.75 -17.55
N ASP A 13 0.50 1.95 -16.56
CA ASP A 13 0.50 0.51 -16.70
C ASP A 13 -0.77 -0.09 -16.11
N LYS A 14 -1.64 -0.57 -16.98
CA LYS A 14 -2.89 -1.18 -16.55
C LYS A 14 -3.11 -2.47 -17.34
N MET A 15 -2.50 -3.55 -16.86
CA MET A 15 -2.65 -4.85 -17.51
C MET A 15 -3.19 -5.88 -16.54
N GLY A 16 -2.60 -5.93 -15.35
CA GLY A 16 -3.01 -6.90 -14.36
C GLY A 16 -4.23 -6.45 -13.58
N GLY A 17 -4.55 -5.17 -13.70
CA GLY A 17 -5.70 -4.62 -13.02
C GLY A 17 -5.75 -3.12 -13.14
N PRO A 18 -6.91 -2.52 -12.87
CA PRO A 18 -7.10 -1.06 -12.93
C PRO A 18 -6.14 -0.32 -12.00
N THR A 19 -5.85 0.93 -12.33
CA THR A 19 -4.95 1.71 -11.51
C THR A 19 -5.73 2.52 -10.49
N VAL A 20 -5.20 2.59 -9.27
CA VAL A 20 -5.81 3.36 -8.21
C VAL A 20 -4.87 4.46 -7.76
N LEU A 21 -5.32 5.69 -7.85
CA LEU A 21 -4.52 6.82 -7.40
C LEU A 21 -4.39 6.79 -5.89
N VAL A 22 -3.28 6.25 -5.44
CA VAL A 22 -2.99 6.18 -4.03
C VAL A 22 -2.59 7.55 -3.52
N LYS A 23 -3.35 8.05 -2.58
CA LYS A 23 -3.06 9.34 -1.98
C LYS A 23 -2.46 9.14 -0.60
N ARG A 24 -2.72 7.97 -0.03
CA ARG A 24 -2.19 7.61 1.29
C ARG A 24 -2.43 6.13 1.56
N PHE A 25 -1.66 5.59 2.50
CA PHE A 25 -1.83 4.22 2.94
C PHE A 25 -2.34 4.21 4.36
N GLN A 26 -3.14 3.21 4.69
CA GLN A 26 -3.60 3.04 6.06
C GLN A 26 -3.35 1.62 6.50
N LEU A 27 -2.82 1.46 7.70
CA LEU A 27 -2.50 0.15 8.23
C LEU A 27 -3.55 -0.26 9.24
N SER A 28 -4.00 -1.51 9.14
CA SER A 28 -4.96 -2.05 10.07
C SER A 28 -4.48 -3.39 10.62
N GLY A 29 -4.32 -3.46 11.92
CA GLY A 29 -3.84 -4.69 12.54
C GLY A 29 -2.46 -4.53 13.14
N ASN A 30 -1.82 -3.41 12.81
CA ASN A 30 -0.48 -3.12 13.30
C ASN A 30 -0.54 -2.48 14.67
N ARG A 31 0.38 -2.88 15.53
CA ARG A 31 0.49 -2.32 16.87
C ARG A 31 1.95 -2.07 17.21
N GLN A 32 2.83 -2.92 16.68
CA GLN A 32 4.26 -2.81 16.92
C GLN A 32 4.83 -1.54 16.29
N PHE A 33 4.37 -1.20 15.10
CA PHE A 33 4.82 -0.01 14.41
C PHE A 33 3.62 0.85 14.00
N ASP A 34 3.76 2.16 14.20
CA ASP A 34 2.68 3.09 13.88
C ASP A 34 2.53 3.26 12.38
N ASP A 35 1.43 3.90 11.96
CA ASP A 35 1.11 4.04 10.54
C ASP A 35 2.27 4.65 9.76
N ARG A 36 2.71 5.82 10.20
CA ARG A 36 3.76 6.57 9.50
C ARG A 36 5.04 5.75 9.37
N ARG A 37 5.36 4.97 10.39
CA ARG A 37 6.52 4.10 10.37
C ARG A 37 6.43 3.11 9.22
N LEU A 38 5.21 2.66 8.95
CA LEU A 38 4.98 1.71 7.87
C LEU A 38 4.76 2.44 6.54
N LEU A 39 4.32 3.69 6.61
CA LEU A 39 4.08 4.50 5.42
C LEU A 39 5.37 4.80 4.67
N ALA A 40 6.45 4.96 5.43
CA ALA A 40 7.76 5.22 4.84
C ALA A 40 8.19 4.09 3.92
N LEU A 41 7.63 2.90 4.15
CA LEU A 41 7.90 1.76 3.29
C LEU A 41 7.29 1.98 1.91
N LEU A 42 6.19 2.73 1.86
CA LEU A 42 5.48 2.98 0.62
C LEU A 42 5.72 4.40 0.15
N HIS A 43 6.70 5.06 0.76
CA HIS A 43 6.96 6.49 0.53
C HIS A 43 7.06 6.86 -0.96
N ASP A 44 7.43 5.89 -1.79
CA ASP A 44 7.69 6.14 -3.21
C ASP A 44 6.50 5.78 -4.09
N LEU A 45 5.42 5.33 -3.47
CA LEU A 45 4.27 4.83 -4.24
C LEU A 45 3.20 5.89 -4.51
N PRO A 46 2.64 6.57 -3.47
CA PRO A 46 1.44 7.37 -3.65
C PRO A 46 1.72 8.69 -4.36
N GLY A 47 0.71 9.22 -5.01
CA GLY A 47 0.89 10.34 -5.91
C GLY A 47 0.84 9.86 -7.34
N GLN A 48 0.83 8.54 -7.48
CA GLN A 48 0.71 7.89 -8.77
C GLN A 48 -0.51 6.97 -8.76
N GLU A 49 -0.91 6.50 -9.94
CA GLU A 49 -2.01 5.56 -10.02
C GLU A 49 -1.46 4.14 -10.15
N LEU A 50 -1.25 3.52 -9.01
CA LEU A 50 -0.68 2.19 -8.92
C LEU A 50 -1.76 1.15 -9.22
N ASN A 51 -1.42 0.15 -10.03
CA ASN A 51 -2.36 -0.94 -10.29
C ASN A 51 -2.28 -1.94 -9.14
N LEU A 52 -3.30 -2.78 -8.99
CA LEU A 52 -3.42 -3.70 -7.85
C LEU A 52 -2.12 -4.44 -7.53
N SER A 53 -1.41 -4.89 -8.57
CA SER A 53 -0.17 -5.64 -8.38
C SER A 53 0.85 -4.83 -7.57
N GLN A 54 0.89 -3.53 -7.82
CA GLN A 54 1.78 -2.63 -7.11
C GLN A 54 1.30 -2.41 -5.68
N LEU A 55 -0.01 -2.32 -5.50
CA LEU A 55 -0.61 -2.18 -4.18
C LEU A 55 -0.27 -3.38 -3.30
N HIS A 56 -0.38 -4.58 -3.85
CA HIS A 56 -0.08 -5.79 -3.09
C HIS A 56 1.41 -5.87 -2.79
N ALA A 57 2.23 -5.35 -3.70
CA ALA A 57 3.67 -5.34 -3.50
C ALA A 57 4.04 -4.45 -2.32
N ALA A 58 3.21 -3.45 -2.07
CA ALA A 58 3.40 -2.53 -0.96
C ALA A 58 3.30 -3.28 0.38
N ALA A 59 2.37 -4.22 0.44
CA ALA A 59 2.15 -4.99 1.66
C ALA A 59 3.35 -5.88 1.97
N ALA A 60 3.99 -6.39 0.93
CA ALA A 60 5.15 -7.26 1.09
C ALA A 60 6.31 -6.53 1.75
N ARG A 61 6.44 -5.24 1.42
CA ARG A 61 7.49 -4.39 2.01
C ARG A 61 7.35 -4.36 3.52
N ILE A 62 6.11 -4.30 3.98
CA ILE A 62 5.82 -4.15 5.39
C ILE A 62 5.96 -5.48 6.12
N GLY A 63 5.54 -6.56 5.46
CA GLY A 63 5.69 -7.87 6.05
C GLY A 63 7.14 -8.21 6.29
N ASP A 64 7.99 -7.93 5.32
CA ASP A 64 9.42 -8.17 5.46
C ASP A 64 10.06 -7.15 6.39
N PHE A 65 9.42 -5.97 6.51
CA PHE A 65 9.88 -4.95 7.45
C PHE A 65 9.84 -5.50 8.86
N TYR A 66 8.72 -6.10 9.22
CA TYR A 66 8.55 -6.72 10.52
C TYR A 66 9.58 -7.82 10.75
N GLN A 67 9.78 -8.67 9.75
CA GLN A 67 10.72 -9.77 9.86
C GLN A 67 12.14 -9.26 10.12
N GLU A 68 12.48 -8.16 9.47
CA GLU A 68 13.78 -7.54 9.65
C GLU A 68 13.95 -7.10 11.09
N LYS A 69 12.86 -6.65 11.69
CA LYS A 69 12.88 -6.19 13.07
C LYS A 69 12.78 -7.37 14.05
N GLY A 70 12.74 -8.59 13.51
CA GLY A 70 12.73 -9.77 14.35
C GLY A 70 11.39 -10.46 14.39
N TYR A 71 10.38 -9.82 13.82
CA TYR A 71 9.03 -10.38 13.80
C TYR A 71 8.85 -11.24 12.57
N VAL A 72 9.46 -12.41 12.59
CA VAL A 72 9.47 -13.33 11.44
C VAL A 72 8.07 -13.90 11.20
N LEU A 73 7.29 -14.03 12.26
CA LEU A 73 5.92 -14.53 12.13
C LEU A 73 4.94 -13.38 11.94
N ALA A 74 5.44 -12.26 11.46
CA ALA A 74 4.61 -11.11 11.21
C ALA A 74 4.69 -10.70 9.75
N ARG A 75 3.55 -10.71 9.07
CA ARG A 75 3.48 -10.31 7.68
C ARG A 75 2.37 -9.27 7.51
N ALA A 76 2.32 -8.68 6.34
CA ALA A 76 1.28 -7.71 6.03
C ALA A 76 0.68 -8.01 4.67
N PHE A 77 -0.63 -8.01 4.59
CA PHE A 77 -1.31 -8.30 3.34
C PHE A 77 -2.34 -7.23 3.03
N LEU A 78 -2.48 -6.90 1.76
CA LEU A 78 -3.45 -5.91 1.34
C LEU A 78 -4.75 -6.61 0.96
N PRO A 79 -5.78 -6.48 1.81
CA PRO A 79 -7.08 -7.18 1.62
C PRO A 79 -7.72 -6.89 0.27
N ALA A 80 -7.51 -5.65 -0.19
CA ALA A 80 -8.01 -5.20 -1.48
C ALA A 80 -9.54 -5.22 -1.52
N GLN A 81 -10.11 -6.30 -2.05
CA GLN A 81 -11.57 -6.45 -2.19
C GLN A 81 -12.12 -5.46 -3.22
N GLU A 82 -12.02 -4.17 -2.91
CA GLU A 82 -12.44 -3.12 -3.80
C GLU A 82 -11.44 -1.96 -3.75
N ILE A 83 -11.11 -1.55 -2.53
CA ILE A 83 -10.15 -0.47 -2.29
C ILE A 83 -10.75 0.90 -2.60
N GLN A 84 -10.40 1.87 -1.78
CA GLN A 84 -10.96 3.22 -1.86
C GLN A 84 -10.15 4.07 -2.83
N ASP A 85 -10.78 5.11 -3.36
CA ASP A 85 -10.10 6.02 -4.28
C ASP A 85 -9.19 6.97 -3.51
N GLY A 86 -7.97 6.51 -3.25
CA GLY A 86 -7.01 7.34 -2.56
C GLY A 86 -6.39 6.64 -1.38
N THR A 87 -7.22 6.22 -0.44
CA THR A 87 -6.73 5.54 0.73
C THR A 87 -6.76 4.03 0.52
N VAL A 88 -5.60 3.41 0.62
CA VAL A 88 -5.50 1.97 0.52
C VAL A 88 -5.19 1.40 1.90
N ARG A 89 -5.92 0.38 2.30
CA ARG A 89 -5.73 -0.17 3.62
C ARG A 89 -5.08 -1.54 3.56
N ILE A 90 -4.02 -1.70 4.34
CA ILE A 90 -3.29 -2.95 4.42
C ILE A 90 -3.46 -3.56 5.81
N GLU A 91 -3.73 -4.85 5.86
CA GLU A 91 -3.89 -5.52 7.14
C GLU A 91 -2.58 -6.16 7.57
N VAL A 92 -2.13 -5.76 8.74
CA VAL A 92 -0.89 -6.27 9.28
C VAL A 92 -1.15 -7.40 10.26
N LEU A 93 -0.55 -8.54 10.00
CA LEU A 93 -0.69 -9.69 10.87
C LEU A 93 0.63 -9.93 11.61
N GLU A 94 0.72 -9.38 12.81
CA GLU A 94 1.94 -9.43 13.60
C GLU A 94 2.14 -10.82 14.23
N GLY A 95 1.21 -11.72 13.93
CA GLY A 95 1.31 -13.07 14.41
C GLY A 95 0.33 -13.34 15.54
N MET A 1 -11.56 20.79 -3.59
CA MET A 1 -10.76 20.03 -2.60
C MET A 1 -9.87 19.02 -3.30
N ALA A 2 -8.88 19.51 -4.03
CA ALA A 2 -7.99 18.64 -4.78
C ALA A 2 -7.11 17.83 -3.83
N HIS A 3 -7.37 16.53 -3.77
CA HIS A 3 -6.67 15.66 -2.85
C HIS A 3 -5.40 15.10 -3.48
N HIS A 4 -4.78 15.88 -4.34
CA HIS A 4 -3.52 15.49 -4.97
C HIS A 4 -2.68 16.73 -5.26
N HIS A 5 -1.54 16.80 -4.61
CA HIS A 5 -0.61 17.90 -4.85
C HIS A 5 0.30 17.57 -6.01
N HIS A 6 0.31 16.30 -6.38
CA HIS A 6 1.05 15.83 -7.55
C HIS A 6 0.20 16.00 -8.80
N HIS A 7 0.73 16.73 -9.76
CA HIS A 7 0.01 16.97 -11.01
C HIS A 7 0.53 16.05 -12.11
N HIS A 8 1.52 15.24 -11.78
CA HIS A 8 2.06 14.26 -12.71
C HIS A 8 1.61 12.86 -12.33
N VAL A 9 0.34 12.75 -11.93
CA VAL A 9 -0.22 11.46 -11.57
C VAL A 9 -0.28 10.55 -12.79
N ASP A 10 0.37 9.42 -12.69
CA ASP A 10 0.49 8.49 -13.80
C ASP A 10 -0.35 7.25 -13.57
N ASP A 11 -0.86 6.69 -14.66
CA ASP A 11 -1.54 5.39 -14.63
C ASP A 11 -0.49 4.29 -14.62
N ASP A 12 0.73 4.69 -14.98
CA ASP A 12 1.91 3.81 -14.99
C ASP A 12 1.79 2.72 -16.03
N ASP A 13 1.03 1.68 -15.72
CA ASP A 13 0.79 0.58 -16.64
C ASP A 13 -0.30 -0.33 -16.11
N LYS A 14 -1.53 -0.04 -16.47
CA LYS A 14 -2.69 -0.81 -16.01
C LYS A 14 -2.74 -2.14 -16.76
N MET A 15 -1.98 -3.11 -16.26
CA MET A 15 -1.99 -4.46 -16.80
C MET A 15 -1.99 -5.46 -15.66
N GLY A 16 -2.82 -6.48 -15.77
CA GLY A 16 -2.94 -7.46 -14.70
C GLY A 16 -3.93 -7.01 -13.65
N GLY A 17 -4.47 -5.82 -13.82
CA GLY A 17 -5.44 -5.29 -12.89
C GLY A 17 -5.58 -3.79 -12.99
N PRO A 18 -6.80 -3.26 -12.79
CA PRO A 18 -7.07 -1.81 -12.76
C PRO A 18 -6.19 -1.05 -11.78
N THR A 19 -6.04 0.24 -12.03
CA THR A 19 -5.19 1.09 -11.20
C THR A 19 -6.01 1.86 -10.17
N VAL A 20 -5.46 1.97 -8.97
CA VAL A 20 -6.09 2.73 -7.90
C VAL A 20 -5.18 3.89 -7.50
N LEU A 21 -5.70 5.10 -7.60
CA LEU A 21 -4.95 6.28 -7.20
C LEU A 21 -4.70 6.26 -5.70
N VAL A 22 -3.44 6.16 -5.33
CA VAL A 22 -3.08 6.14 -3.93
C VAL A 22 -2.70 7.53 -3.45
N LYS A 23 -3.41 8.00 -2.45
CA LYS A 23 -3.15 9.28 -1.84
C LYS A 23 -2.51 9.09 -0.47
N ARG A 24 -2.83 7.96 0.16
CA ARG A 24 -2.25 7.60 1.44
C ARG A 24 -2.41 6.12 1.72
N PHE A 25 -1.61 5.62 2.65
CA PHE A 25 -1.68 4.23 3.07
C PHE A 25 -2.22 4.15 4.49
N GLN A 26 -3.11 3.21 4.72
CA GLN A 26 -3.68 2.98 6.03
C GLN A 26 -3.34 1.58 6.49
N LEU A 27 -2.82 1.46 7.70
CA LEU A 27 -2.45 0.17 8.24
C LEU A 27 -3.49 -0.30 9.24
N SER A 28 -3.91 -1.54 9.09
CA SER A 28 -4.89 -2.13 9.98
C SER A 28 -4.31 -3.36 10.64
N GLY A 29 -4.29 -3.37 11.96
CA GLY A 29 -3.77 -4.52 12.69
C GLY A 29 -2.39 -4.27 13.25
N ASN A 30 -1.73 -3.23 12.74
CA ASN A 30 -0.40 -2.87 13.20
C ASN A 30 -0.46 -2.33 14.63
N ARG A 31 0.34 -2.91 15.51
CA ARG A 31 0.37 -2.47 16.89
C ARG A 31 1.80 -2.14 17.31
N GLN A 32 2.75 -2.88 16.78
CA GLN A 32 4.15 -2.68 17.10
C GLN A 32 4.69 -1.43 16.40
N PHE A 33 4.24 -1.23 15.16
CA PHE A 33 4.65 -0.06 14.40
C PHE A 33 3.42 0.71 13.96
N ASP A 34 3.54 2.03 13.88
CA ASP A 34 2.43 2.89 13.54
C ASP A 34 2.37 3.15 12.03
N ASP A 35 1.28 3.75 11.58
CA ASP A 35 1.09 4.01 10.15
C ASP A 35 2.23 4.81 9.58
N ARG A 36 2.53 5.94 10.22
CA ARG A 36 3.60 6.84 9.77
C ARG A 36 4.90 6.10 9.57
N ARG A 37 5.19 5.18 10.47
CA ARG A 37 6.39 4.35 10.40
C ARG A 37 6.38 3.47 9.16
N LEU A 38 5.28 2.76 8.96
CA LEU A 38 5.17 1.82 7.83
C LEU A 38 5.01 2.56 6.51
N LEU A 39 4.45 3.76 6.57
CA LEU A 39 4.23 4.60 5.39
C LEU A 39 5.54 4.92 4.68
N ALA A 40 6.60 5.06 5.45
CA ALA A 40 7.91 5.36 4.90
C ALA A 40 8.38 4.26 3.93
N LEU A 41 7.87 3.05 4.12
CA LEU A 41 8.18 1.95 3.21
C LEU A 41 7.52 2.17 1.85
N LEU A 42 6.41 2.90 1.86
CA LEU A 42 5.65 3.15 0.64
C LEU A 42 5.82 4.59 0.18
N HIS A 43 6.81 5.26 0.76
CA HIS A 43 7.02 6.69 0.54
C HIS A 43 7.10 7.05 -0.96
N ASP A 44 7.46 6.09 -1.78
CA ASP A 44 7.72 6.32 -3.20
C ASP A 44 6.55 5.89 -4.08
N LEU A 45 5.46 5.45 -3.47
CA LEU A 45 4.35 4.89 -4.23
C LEU A 45 3.24 5.89 -4.56
N PRO A 46 2.65 6.58 -3.55
CA PRO A 46 1.42 7.34 -3.78
C PRO A 46 1.67 8.63 -4.57
N GLY A 47 0.60 9.17 -5.14
CA GLY A 47 0.73 10.27 -6.08
C GLY A 47 0.61 9.76 -7.50
N GLN A 48 0.32 8.47 -7.62
CA GLN A 48 0.12 7.81 -8.89
C GLN A 48 -0.99 6.77 -8.74
N GLU A 49 -1.43 6.22 -9.86
CA GLU A 49 -2.44 5.19 -9.84
C GLU A 49 -1.80 3.82 -9.95
N LEU A 50 -1.59 3.21 -8.80
CA LEU A 50 -0.95 1.91 -8.72
C LEU A 50 -1.98 0.81 -8.95
N ASN A 51 -1.60 -0.23 -9.66
CA ASN A 51 -2.52 -1.34 -9.91
C ASN A 51 -2.41 -2.36 -8.79
N LEU A 52 -3.42 -3.21 -8.65
CA LEU A 52 -3.51 -4.16 -7.53
C LEU A 52 -2.19 -4.87 -7.21
N SER A 53 -1.49 -5.33 -8.25
CA SER A 53 -0.22 -6.01 -8.05
C SER A 53 0.78 -5.12 -7.31
N GLN A 54 0.74 -3.83 -7.63
CA GLN A 54 1.61 -2.84 -7.00
C GLN A 54 1.19 -2.59 -5.56
N LEU A 55 -0.13 -2.56 -5.34
CA LEU A 55 -0.68 -2.34 -4.01
C LEU A 55 -0.22 -3.40 -3.00
N HIS A 56 -0.43 -4.68 -3.31
CA HIS A 56 -0.05 -5.72 -2.36
C HIS A 56 1.46 -5.89 -2.28
N ALA A 57 2.16 -5.49 -3.34
CA ALA A 57 3.62 -5.47 -3.32
C ALA A 57 4.11 -4.50 -2.25
N ALA A 58 3.35 -3.45 -2.03
CA ALA A 58 3.63 -2.49 -0.98
C ALA A 58 3.53 -3.15 0.39
N ALA A 59 2.56 -4.04 0.52
CA ALA A 59 2.35 -4.77 1.77
C ALA A 59 3.53 -5.69 2.05
N ALA A 60 4.11 -6.24 0.99
CA ALA A 60 5.27 -7.11 1.12
C ALA A 60 6.45 -6.37 1.73
N ARG A 61 6.57 -5.09 1.40
CA ARG A 61 7.62 -4.24 1.96
C ARG A 61 7.50 -4.20 3.47
N ILE A 62 6.27 -4.08 3.94
CA ILE A 62 5.99 -3.97 5.36
C ILE A 62 6.09 -5.33 6.03
N GLY A 63 5.63 -6.35 5.31
CA GLY A 63 5.74 -7.71 5.80
C GLY A 63 7.18 -8.07 6.08
N ASP A 64 8.06 -7.75 5.14
CA ASP A 64 9.49 -8.01 5.31
C ASP A 64 10.08 -7.11 6.40
N PHE A 65 9.53 -5.90 6.49
CA PHE A 65 9.94 -4.93 7.51
C PHE A 65 9.83 -5.55 8.91
N TYR A 66 8.68 -6.15 9.18
CA TYR A 66 8.45 -6.81 10.46
C TYR A 66 9.41 -7.98 10.66
N GLN A 67 9.55 -8.81 9.64
CA GLN A 67 10.45 -9.96 9.69
C GLN A 67 11.88 -9.51 10.00
N GLU A 68 12.27 -8.41 9.36
CA GLU A 68 13.58 -7.82 9.57
C GLU A 68 13.78 -7.45 11.03
N LYS A 69 12.72 -6.95 11.66
CA LYS A 69 12.78 -6.51 13.04
C LYS A 69 12.65 -7.69 14.01
N GLY A 70 12.56 -8.89 13.46
CA GLY A 70 12.52 -10.09 14.28
C GLY A 70 11.16 -10.76 14.24
N TYR A 71 10.16 -10.04 13.74
CA TYR A 71 8.79 -10.55 13.70
C TYR A 71 8.61 -11.43 12.47
N VAL A 72 9.24 -12.59 12.48
CA VAL A 72 9.19 -13.51 11.35
C VAL A 72 7.80 -14.14 11.22
N LEU A 73 7.07 -14.17 12.33
CA LEU A 73 5.71 -14.70 12.34
C LEU A 73 4.71 -13.65 11.87
N ALA A 74 5.21 -12.44 11.62
CA ALA A 74 4.37 -11.33 11.20
C ALA A 74 4.47 -11.12 9.70
N ARG A 75 3.35 -10.74 9.10
CA ARG A 75 3.30 -10.46 7.67
C ARG A 75 2.17 -9.48 7.37
N ALA A 76 2.45 -8.52 6.51
CA ALA A 76 1.46 -7.55 6.10
C ALA A 76 0.93 -7.90 4.72
N PHE A 77 -0.38 -7.83 4.56
CA PHE A 77 -1.01 -8.13 3.28
C PHE A 77 -2.07 -7.08 2.98
N LEU A 78 -2.30 -6.83 1.70
CA LEU A 78 -3.29 -5.84 1.30
C LEU A 78 -4.52 -6.55 0.73
N PRO A 79 -5.63 -6.52 1.47
CA PRO A 79 -6.87 -7.15 1.04
C PRO A 79 -7.54 -6.38 -0.10
N ALA A 80 -7.67 -7.02 -1.25
CA ALA A 80 -8.32 -6.40 -2.40
C ALA A 80 -9.84 -6.56 -2.30
N GLN A 81 -10.38 -6.12 -1.18
CA GLN A 81 -11.79 -6.29 -0.89
C GLN A 81 -12.60 -5.08 -1.33
N GLU A 82 -12.14 -3.90 -0.94
CA GLU A 82 -12.86 -2.67 -1.25
C GLU A 82 -11.88 -1.65 -1.80
N ILE A 83 -11.01 -1.15 -0.92
CA ILE A 83 -10.00 -0.16 -1.28
C ILE A 83 -10.66 1.10 -1.85
N GLN A 84 -11.15 1.94 -0.95
CA GLN A 84 -11.69 3.23 -1.33
C GLN A 84 -10.65 4.05 -2.08
N ASP A 85 -11.05 4.58 -3.23
CA ASP A 85 -10.13 5.34 -4.08
C ASP A 85 -9.44 6.44 -3.29
N GLY A 86 -8.12 6.41 -3.27
CA GLY A 86 -7.36 7.38 -2.53
C GLY A 86 -6.67 6.76 -1.32
N THR A 87 -7.39 5.90 -0.61
CA THR A 87 -6.85 5.30 0.59
C THR A 87 -6.73 3.79 0.43
N VAL A 88 -5.53 3.26 0.58
CA VAL A 88 -5.31 1.83 0.53
C VAL A 88 -5.11 1.30 1.94
N ARG A 89 -5.73 0.17 2.26
CA ARG A 89 -5.63 -0.37 3.60
C ARG A 89 -4.86 -1.68 3.59
N ILE A 90 -3.73 -1.69 4.27
CA ILE A 90 -2.93 -2.89 4.40
C ILE A 90 -3.11 -3.49 5.78
N GLU A 91 -3.40 -4.78 5.85
CA GLU A 91 -3.60 -5.45 7.11
C GLU A 91 -2.30 -6.09 7.58
N VAL A 92 -1.88 -5.72 8.77
CA VAL A 92 -0.64 -6.22 9.33
C VAL A 92 -0.93 -7.31 10.35
N LEU A 93 -0.62 -8.54 9.99
CA LEU A 93 -0.75 -9.65 10.91
C LEU A 93 0.55 -9.83 11.67
N GLU A 94 0.62 -9.26 12.87
CA GLU A 94 1.83 -9.31 13.66
C GLU A 94 1.99 -10.69 14.31
N GLY A 95 0.87 -11.33 14.60
CA GLY A 95 0.90 -12.65 15.17
C GLY A 95 -0.41 -12.98 15.86
N MET A 1 -9.82 24.40 -10.71
CA MET A 1 -8.45 24.91 -10.92
C MET A 1 -7.70 25.01 -9.59
N ALA A 2 -8.42 24.94 -8.48
CA ALA A 2 -7.80 25.02 -7.16
C ALA A 2 -6.99 23.75 -6.89
N HIS A 3 -7.50 22.63 -7.37
CA HIS A 3 -6.81 21.36 -7.23
C HIS A 3 -5.75 21.24 -8.32
N HIS A 4 -4.57 21.77 -8.03
CA HIS A 4 -3.49 21.86 -9.00
C HIS A 4 -2.91 20.49 -9.31
N HIS A 5 -2.98 20.10 -10.56
CA HIS A 5 -2.40 18.83 -11.00
C HIS A 5 -0.99 19.03 -11.52
N HIS A 6 -0.02 18.76 -10.66
CA HIS A 6 1.39 18.91 -10.99
C HIS A 6 1.91 17.65 -11.68
N HIS A 7 1.31 16.52 -11.34
CA HIS A 7 1.75 15.25 -11.90
C HIS A 7 0.55 14.33 -12.16
N HIS A 8 -0.13 14.55 -13.27
CA HIS A 8 -1.23 13.70 -13.68
C HIS A 8 -0.70 12.36 -14.17
N VAL A 9 -0.57 11.42 -13.25
CA VAL A 9 -0.09 10.10 -13.60
C VAL A 9 -1.19 9.30 -14.29
N ASP A 10 -1.26 9.45 -15.60
CA ASP A 10 -2.21 8.71 -16.42
C ASP A 10 -1.84 7.24 -16.44
N ASP A 11 -2.79 6.38 -16.07
CA ASP A 11 -2.54 4.94 -15.95
C ASP A 11 -1.95 4.37 -17.24
N ASP A 12 -0.76 3.81 -17.11
CA ASP A 12 -0.04 3.25 -18.25
C ASP A 12 -0.05 1.73 -18.20
N ASP A 13 -0.64 1.18 -17.16
CA ASP A 13 -0.67 -0.26 -16.98
C ASP A 13 -2.03 -0.71 -16.49
N LYS A 14 -2.50 -1.80 -17.06
CA LYS A 14 -3.69 -2.47 -16.56
C LYS A 14 -3.53 -3.97 -16.84
N MET A 15 -2.37 -4.47 -16.48
CA MET A 15 -2.09 -5.90 -16.65
C MET A 15 -2.14 -6.60 -15.30
N GLY A 16 -1.88 -5.84 -14.25
CA GLY A 16 -1.96 -6.36 -12.91
C GLY A 16 -3.16 -5.80 -12.17
N GLY A 17 -4.31 -5.81 -12.83
CA GLY A 17 -5.51 -5.28 -12.22
C GLY A 17 -5.69 -3.80 -12.50
N PRO A 18 -6.92 -3.26 -12.33
CA PRO A 18 -7.18 -1.84 -12.51
C PRO A 18 -6.42 -0.99 -11.49
N THR A 19 -5.77 0.06 -11.96
CA THR A 19 -4.92 0.87 -11.12
C THR A 19 -5.73 1.74 -10.16
N VAL A 20 -5.19 1.94 -8.98
CA VAL A 20 -5.78 2.82 -7.99
C VAL A 20 -4.87 4.01 -7.75
N LEU A 21 -5.39 5.21 -7.94
CA LEU A 21 -4.63 6.42 -7.67
C LEU A 21 -4.47 6.60 -6.16
N VAL A 22 -3.39 6.05 -5.65
CA VAL A 22 -3.11 6.09 -4.23
C VAL A 22 -2.68 7.49 -3.80
N LYS A 23 -3.34 7.99 -2.77
CA LYS A 23 -3.01 9.28 -2.21
C LYS A 23 -2.43 9.11 -0.82
N ARG A 24 -2.76 7.99 -0.18
CA ARG A 24 -2.29 7.70 1.16
C ARG A 24 -2.49 6.22 1.49
N PHE A 25 -1.70 5.74 2.45
CA PHE A 25 -1.80 4.37 2.90
C PHE A 25 -2.33 4.34 4.33
N GLN A 26 -3.06 3.29 4.66
CA GLN A 26 -3.56 3.09 6.01
C GLN A 26 -3.22 1.69 6.47
N LEU A 27 -2.75 1.57 7.70
CA LEU A 27 -2.39 0.27 8.25
C LEU A 27 -3.46 -0.20 9.22
N SER A 28 -3.72 -1.50 9.21
CA SER A 28 -4.72 -2.08 10.08
C SER A 28 -4.12 -3.26 10.84
N GLY A 29 -4.38 -3.32 12.14
CA GLY A 29 -3.88 -4.42 12.95
C GLY A 29 -2.46 -4.19 13.41
N ASN A 30 -1.86 -3.10 12.98
CA ASN A 30 -0.50 -2.74 13.37
C ASN A 30 -0.47 -2.19 14.79
N ARG A 31 0.43 -2.73 15.61
CA ARG A 31 0.58 -2.26 16.97
C ARG A 31 2.06 -2.13 17.33
N GLN A 32 2.88 -3.00 16.77
CA GLN A 32 4.31 -2.96 16.99
C GLN A 32 4.92 -1.71 16.34
N PHE A 33 4.39 -1.35 15.18
CA PHE A 33 4.80 -0.14 14.48
C PHE A 33 3.59 0.69 14.11
N ASP A 34 3.68 2.00 14.30
CA ASP A 34 2.60 2.92 13.99
C ASP A 34 2.46 3.12 12.49
N ASP A 35 1.31 3.65 12.06
CA ASP A 35 1.04 3.85 10.63
C ASP A 35 2.19 4.57 9.95
N ARG A 36 2.56 5.72 10.48
CA ARG A 36 3.67 6.53 9.97
C ARG A 36 4.92 5.68 9.72
N ARG A 37 5.27 4.86 10.69
CA ARG A 37 6.46 4.01 10.61
C ARG A 37 6.37 3.07 9.41
N LEU A 38 5.17 2.61 9.11
CA LEU A 38 4.95 1.71 7.98
C LEU A 38 4.74 2.49 6.68
N LEU A 39 4.23 3.72 6.81
CA LEU A 39 3.97 4.58 5.65
C LEU A 39 5.25 4.91 4.91
N ALA A 40 6.34 5.05 5.66
CA ALA A 40 7.64 5.33 5.08
C ALA A 40 8.08 4.23 4.14
N LEU A 41 7.54 3.03 4.32
CA LEU A 41 7.84 1.91 3.45
C LEU A 41 7.23 2.12 2.07
N LEU A 42 6.14 2.87 2.03
CA LEU A 42 5.44 3.13 0.78
C LEU A 42 5.64 4.56 0.33
N HIS A 43 6.59 5.25 0.95
CA HIS A 43 6.83 6.68 0.72
C HIS A 43 6.97 7.02 -0.77
N ASP A 44 7.41 6.06 -1.57
CA ASP A 44 7.72 6.30 -2.98
C ASP A 44 6.64 5.75 -3.91
N LEU A 45 5.50 5.37 -3.35
CA LEU A 45 4.44 4.75 -4.15
C LEU A 45 3.32 5.72 -4.54
N PRO A 46 2.67 6.42 -3.59
CA PRO A 46 1.45 7.16 -3.89
C PRO A 46 1.70 8.43 -4.71
N GLY A 47 0.64 8.98 -5.26
CA GLY A 47 0.75 10.06 -6.20
C GLY A 47 0.66 9.54 -7.62
N GLN A 48 0.76 8.23 -7.72
CA GLN A 48 0.65 7.52 -8.99
C GLN A 48 -0.56 6.61 -8.95
N GLU A 49 -0.85 5.97 -10.07
CA GLU A 49 -1.90 4.97 -10.12
C GLU A 49 -1.28 3.59 -10.06
N LEU A 50 -1.35 3.00 -8.87
CA LEU A 50 -0.74 1.70 -8.61
C LEU A 50 -1.73 0.59 -8.91
N ASN A 51 -1.30 -0.42 -9.65
CA ASN A 51 -2.17 -1.55 -9.98
C ASN A 51 -2.23 -2.53 -8.81
N LEU A 52 -3.13 -3.51 -8.90
CA LEU A 52 -3.32 -4.48 -7.81
C LEU A 52 -2.00 -5.10 -7.39
N SER A 53 -1.17 -5.45 -8.39
CA SER A 53 0.14 -6.02 -8.13
C SER A 53 0.96 -5.11 -7.21
N GLN A 54 1.10 -3.86 -7.63
CA GLN A 54 1.86 -2.87 -6.87
C GLN A 54 1.23 -2.61 -5.51
N LEU A 55 -0.10 -2.67 -5.46
CA LEU A 55 -0.83 -2.46 -4.21
C LEU A 55 -0.42 -3.47 -3.15
N HIS A 56 -0.55 -4.76 -3.45
CA HIS A 56 -0.21 -5.78 -2.47
C HIS A 56 1.29 -5.91 -2.31
N ALA A 57 2.03 -5.51 -3.34
CA ALA A 57 3.49 -5.47 -3.27
C ALA A 57 3.96 -4.48 -2.21
N ALA A 58 3.17 -3.44 -2.00
CA ALA A 58 3.42 -2.47 -0.95
C ALA A 58 3.39 -3.16 0.42
N ALA A 59 2.46 -4.11 0.56
CA ALA A 59 2.31 -4.86 1.80
C ALA A 59 3.51 -5.77 2.01
N ALA A 60 4.08 -6.26 0.92
CA ALA A 60 5.26 -7.12 0.97
C ALA A 60 6.45 -6.38 1.57
N ARG A 61 6.50 -5.07 1.32
CA ARG A 61 7.54 -4.23 1.89
C ARG A 61 7.43 -4.22 3.41
N ILE A 62 6.20 -4.20 3.90
CA ILE A 62 5.93 -4.08 5.32
C ILE A 62 6.09 -5.43 6.00
N GLY A 63 5.68 -6.48 5.32
CA GLY A 63 5.83 -7.83 5.85
C GLY A 63 7.28 -8.16 6.12
N ASP A 64 8.13 -7.87 5.13
CA ASP A 64 9.56 -8.12 5.27
C ASP A 64 10.18 -7.15 6.29
N PHE A 65 9.61 -5.95 6.37
CA PHE A 65 10.05 -4.95 7.34
C PHE A 65 9.94 -5.50 8.75
N TYR A 66 8.77 -6.04 9.07
CA TYR A 66 8.54 -6.66 10.36
C TYR A 66 9.53 -7.79 10.60
N GLN A 67 9.76 -8.59 9.57
CA GLN A 67 10.67 -9.73 9.66
C GLN A 67 12.09 -9.29 10.00
N GLU A 68 12.50 -8.14 9.46
CA GLU A 68 13.83 -7.61 9.72
C GLU A 68 13.95 -7.12 11.16
N LYS A 69 12.82 -6.80 11.76
CA LYS A 69 12.78 -6.30 13.12
C LYS A 69 12.61 -7.45 14.10
N GLY A 70 12.55 -8.67 13.58
CA GLY A 70 12.45 -9.84 14.42
C GLY A 70 11.11 -10.53 14.32
N TYR A 71 10.14 -9.86 13.73
CA TYR A 71 8.80 -10.41 13.59
C TYR A 71 8.72 -11.24 12.31
N VAL A 72 9.43 -12.35 12.31
CA VAL A 72 9.51 -13.20 11.13
C VAL A 72 8.18 -13.88 10.84
N LEU A 73 7.36 -14.00 11.88
CA LEU A 73 6.04 -14.62 11.75
C LEU A 73 5.00 -13.60 11.32
N ALA A 74 5.39 -12.33 11.30
CA ALA A 74 4.50 -11.26 10.91
C ALA A 74 4.45 -11.12 9.40
N ARG A 75 3.26 -10.86 8.87
CA ARG A 75 3.08 -10.70 7.45
C ARG A 75 2.03 -9.64 7.17
N ALA A 76 2.33 -8.72 6.29
CA ALA A 76 1.38 -7.68 5.92
C ALA A 76 0.77 -8.00 4.56
N PHE A 77 -0.54 -7.83 4.47
CA PHE A 77 -1.25 -8.09 3.22
C PHE A 77 -2.27 -6.99 2.96
N LEU A 78 -2.57 -6.74 1.70
CA LEU A 78 -3.51 -5.69 1.36
C LEU A 78 -4.83 -6.30 0.91
N PRO A 79 -5.90 -6.09 1.70
CA PRO A 79 -7.24 -6.57 1.37
C PRO A 79 -7.78 -5.87 0.11
N ALA A 80 -7.70 -6.57 -1.01
CA ALA A 80 -8.05 -5.98 -2.30
C ALA A 80 -9.49 -6.30 -2.67
N GLN A 81 -10.36 -6.38 -1.68
CA GLN A 81 -11.77 -6.63 -1.93
C GLN A 81 -12.42 -5.34 -2.42
N GLU A 82 -12.23 -4.27 -1.66
CA GLU A 82 -12.71 -2.96 -2.05
C GLU A 82 -11.66 -1.91 -1.75
N ILE A 83 -11.21 -1.21 -2.77
CA ILE A 83 -10.20 -0.19 -2.59
C ILE A 83 -10.68 1.13 -3.19
N GLN A 84 -10.91 2.09 -2.31
CA GLN A 84 -11.24 3.44 -2.71
C GLN A 84 -10.07 4.06 -3.45
N ASP A 85 -10.36 4.90 -4.44
CA ASP A 85 -9.33 5.49 -5.28
C ASP A 85 -8.59 6.61 -4.55
N GLY A 86 -7.73 6.23 -3.63
CA GLY A 86 -6.92 7.19 -2.91
C GLY A 86 -6.34 6.59 -1.66
N THR A 87 -7.20 6.10 -0.79
CA THR A 87 -6.75 5.48 0.43
C THR A 87 -6.69 3.96 0.27
N VAL A 88 -5.53 3.39 0.46
CA VAL A 88 -5.37 1.95 0.44
C VAL A 88 -5.04 1.46 1.84
N ARG A 89 -5.69 0.40 2.27
CA ARG A 89 -5.47 -0.10 3.61
C ARG A 89 -4.79 -1.46 3.58
N ILE A 90 -3.74 -1.59 4.35
CA ILE A 90 -2.98 -2.82 4.46
C ILE A 90 -3.15 -3.42 5.85
N GLU A 91 -3.48 -4.70 5.92
CA GLU A 91 -3.65 -5.35 7.21
C GLU A 91 -2.36 -6.02 7.63
N VAL A 92 -1.92 -5.69 8.82
CA VAL A 92 -0.66 -6.17 9.34
C VAL A 92 -0.90 -7.32 10.31
N LEU A 93 -0.67 -8.53 9.84
CA LEU A 93 -0.75 -9.71 10.68
C LEU A 93 0.57 -9.88 11.40
N GLU A 94 0.66 -9.32 12.60
CA GLU A 94 1.91 -9.34 13.36
C GLU A 94 2.25 -10.75 13.84
N GLY A 95 1.24 -11.61 13.84
CA GLY A 95 1.47 -13.00 14.17
C GLY A 95 0.98 -13.36 15.55
N MET A 1 -14.72 19.77 -18.73
CA MET A 1 -14.26 20.28 -17.43
C MET A 1 -13.34 19.29 -16.74
N ALA A 2 -12.58 18.54 -17.53
CA ALA A 2 -11.69 17.53 -16.99
C ALA A 2 -10.35 17.56 -17.73
N HIS A 3 -9.33 18.05 -17.06
CA HIS A 3 -8.00 18.18 -17.67
C HIS A 3 -7.10 17.03 -17.25
N HIS A 4 -7.52 16.31 -16.21
CA HIS A 4 -6.69 15.26 -15.65
C HIS A 4 -7.18 13.88 -16.09
N HIS A 5 -7.03 13.59 -17.37
CA HIS A 5 -7.31 12.25 -17.87
C HIS A 5 -6.06 11.41 -17.75
N HIS A 6 -5.00 11.84 -18.44
CA HIS A 6 -3.70 11.19 -18.33
C HIS A 6 -2.60 12.23 -18.12
N HIS A 7 -2.99 13.49 -18.02
CA HIS A 7 -2.05 14.57 -17.74
C HIS A 7 -1.77 14.62 -16.25
N HIS A 8 -0.49 14.62 -15.90
CA HIS A 8 -0.06 14.50 -14.51
C HIS A 8 -0.47 13.15 -13.95
N VAL A 9 0.43 12.17 -14.04
CA VAL A 9 0.17 10.82 -13.56
C VAL A 9 -0.80 10.07 -14.47
N ASP A 10 -0.31 9.01 -15.08
CA ASP A 10 -1.15 8.16 -15.92
C ASP A 10 -1.13 6.74 -15.39
N ASP A 11 -2.17 5.98 -15.68
CA ASP A 11 -2.29 4.61 -15.18
C ASP A 11 -2.03 3.60 -16.29
N ASP A 12 -1.41 4.07 -17.38
CA ASP A 12 -1.10 3.23 -18.54
C ASP A 12 -2.37 2.69 -19.20
N ASP A 13 -3.50 3.37 -18.96
CA ASP A 13 -4.79 2.96 -19.51
C ASP A 13 -5.17 1.55 -19.07
N LYS A 14 -5.21 1.35 -17.76
CA LYS A 14 -5.52 0.05 -17.17
C LYS A 14 -4.55 -1.02 -17.69
N MET A 15 -3.33 -0.97 -17.19
CA MET A 15 -2.32 -1.95 -17.57
C MET A 15 -1.85 -2.71 -16.34
N GLY A 16 -1.88 -4.04 -16.43
CA GLY A 16 -1.52 -4.86 -15.31
C GLY A 16 -2.64 -4.94 -14.30
N GLY A 17 -3.86 -4.99 -14.80
CA GLY A 17 -5.03 -4.99 -13.93
C GLY A 17 -5.53 -3.59 -13.66
N PRO A 18 -6.66 -3.48 -12.94
CA PRO A 18 -7.22 -2.18 -12.54
C PRO A 18 -6.24 -1.37 -11.70
N THR A 19 -6.28 -0.05 -11.84
CA THR A 19 -5.36 0.82 -11.14
C THR A 19 -6.07 1.65 -10.09
N VAL A 20 -5.42 1.86 -8.96
CA VAL A 20 -5.96 2.66 -7.89
C VAL A 20 -5.06 3.86 -7.61
N LEU A 21 -5.62 5.05 -7.70
CA LEU A 21 -4.87 6.25 -7.36
C LEU A 21 -4.67 6.31 -5.85
N VAL A 22 -3.46 6.04 -5.44
CA VAL A 22 -3.12 6.06 -4.03
C VAL A 22 -2.61 7.42 -3.64
N LYS A 23 -3.30 8.07 -2.73
CA LYS A 23 -2.85 9.34 -2.21
C LYS A 23 -2.15 9.11 -0.88
N ARG A 24 -2.52 8.02 -0.21
CA ARG A 24 -1.96 7.68 1.07
C ARG A 24 -2.24 6.21 1.40
N PHE A 25 -1.49 5.70 2.38
CA PHE A 25 -1.66 4.34 2.83
C PHE A 25 -2.24 4.33 4.24
N GLN A 26 -2.90 3.24 4.59
CA GLN A 26 -3.45 3.08 5.92
C GLN A 26 -3.19 1.66 6.39
N LEU A 27 -2.85 1.49 7.65
CA LEU A 27 -2.58 0.17 8.19
C LEU A 27 -3.69 -0.27 9.12
N SER A 28 -3.88 -1.57 9.22
CA SER A 28 -4.88 -2.13 10.11
C SER A 28 -4.29 -3.28 10.92
N GLY A 29 -4.41 -3.18 12.24
CA GLY A 29 -3.96 -4.26 13.10
C GLY A 29 -2.52 -4.10 13.55
N ASN A 30 -1.86 -3.05 13.07
CA ASN A 30 -0.48 -2.77 13.43
C ASN A 30 -0.39 -2.23 14.86
N ARG A 31 0.40 -2.91 15.68
CA ARG A 31 0.60 -2.51 17.06
C ARG A 31 2.07 -2.27 17.33
N GLN A 32 2.93 -3.03 16.67
CA GLN A 32 4.37 -2.92 16.84
C GLN A 32 4.88 -1.63 16.22
N PHE A 33 4.37 -1.32 15.03
CA PHE A 33 4.76 -0.11 14.33
C PHE A 33 3.51 0.67 13.91
N ASP A 34 3.56 1.98 14.09
CA ASP A 34 2.42 2.83 13.79
C ASP A 34 2.33 3.11 12.29
N ASP A 35 1.20 3.67 11.85
CA ASP A 35 0.97 3.92 10.42
C ASP A 35 2.09 4.74 9.83
N ARG A 36 2.38 5.88 10.46
CA ARG A 36 3.48 6.76 10.06
C ARG A 36 4.75 5.97 9.76
N ARG A 37 5.08 5.03 10.64
CA ARG A 37 6.28 4.23 10.50
C ARG A 37 6.22 3.33 9.27
N LEU A 38 5.06 2.71 9.05
CA LEU A 38 4.91 1.79 7.93
C LEU A 38 4.68 2.53 6.61
N LEU A 39 4.16 3.75 6.71
CA LEU A 39 3.92 4.61 5.55
C LEU A 39 5.22 4.93 4.82
N ALA A 40 6.28 5.11 5.58
CA ALA A 40 7.59 5.40 5.02
C ALA A 40 8.06 4.27 4.11
N LEU A 41 7.58 3.06 4.36
CA LEU A 41 7.88 1.91 3.52
C LEU A 41 7.31 2.09 2.13
N LEU A 42 6.20 2.81 2.04
CA LEU A 42 5.53 3.02 0.76
C LEU A 42 5.77 4.44 0.26
N HIS A 43 6.72 5.12 0.89
CA HIS A 43 7.00 6.54 0.64
C HIS A 43 7.10 6.88 -0.87
N ASP A 44 7.52 5.93 -1.68
CA ASP A 44 7.77 6.19 -3.11
C ASP A 44 6.67 5.62 -4.00
N LEU A 45 5.56 5.21 -3.39
CA LEU A 45 4.48 4.58 -4.16
C LEU A 45 3.35 5.55 -4.53
N PRO A 46 2.75 6.29 -3.57
CA PRO A 46 1.53 7.04 -3.83
C PRO A 46 1.77 8.32 -4.64
N GLY A 47 0.69 8.98 -4.99
CA GLY A 47 0.75 10.11 -5.89
C GLY A 47 0.60 9.65 -7.33
N GLN A 48 0.60 8.34 -7.50
CA GLN A 48 0.45 7.71 -8.79
C GLN A 48 -0.72 6.74 -8.76
N GLU A 49 -1.04 6.15 -9.91
CA GLU A 49 -2.10 5.17 -9.98
C GLU A 49 -1.51 3.77 -10.00
N LEU A 50 -1.45 3.17 -8.83
CA LEU A 50 -0.80 1.89 -8.64
C LEU A 50 -1.77 0.75 -9.00
N ASN A 51 -1.29 -0.23 -9.75
CA ASN A 51 -2.12 -1.37 -10.10
C ASN A 51 -2.05 -2.41 -8.98
N LEU A 52 -2.89 -3.44 -9.07
CA LEU A 52 -3.02 -4.46 -8.01
C LEU A 52 -1.65 -5.00 -7.58
N SER A 53 -0.79 -5.31 -8.53
CA SER A 53 0.54 -5.83 -8.23
C SER A 53 1.31 -4.87 -7.33
N GLN A 54 1.27 -3.59 -7.69
CA GLN A 54 1.97 -2.56 -6.91
C GLN A 54 1.32 -2.41 -5.54
N LEU A 55 0.02 -2.62 -5.48
CA LEU A 55 -0.73 -2.50 -4.24
C LEU A 55 -0.26 -3.51 -3.20
N HIS A 56 -0.26 -4.79 -3.54
CA HIS A 56 0.14 -5.82 -2.58
C HIS A 56 1.65 -5.83 -2.39
N ALA A 57 2.38 -5.33 -3.39
CA ALA A 57 3.82 -5.17 -3.26
C ALA A 57 4.15 -4.24 -2.10
N ALA A 58 3.26 -3.27 -1.88
CA ALA A 58 3.37 -2.36 -0.75
C ALA A 58 3.30 -3.13 0.57
N ALA A 59 2.35 -4.04 0.65
CA ALA A 59 2.16 -4.86 1.83
C ALA A 59 3.38 -5.76 2.06
N ALA A 60 3.97 -6.21 0.97
CA ALA A 60 5.15 -7.05 1.04
C ALA A 60 6.31 -6.31 1.70
N ARG A 61 6.48 -5.04 1.33
CA ARG A 61 7.51 -4.20 1.93
C ARG A 61 7.39 -4.19 3.45
N ILE A 62 6.16 -4.13 3.91
CA ILE A 62 5.87 -4.05 5.34
C ILE A 62 6.00 -5.42 5.99
N GLY A 63 5.57 -6.44 5.26
CA GLY A 63 5.69 -7.80 5.75
C GLY A 63 7.12 -8.18 6.01
N ASP A 64 8.02 -7.80 5.10
CA ASP A 64 9.44 -8.05 5.26
C ASP A 64 10.04 -7.09 6.27
N PHE A 65 9.43 -5.92 6.42
CA PHE A 65 9.88 -4.92 7.39
C PHE A 65 9.83 -5.49 8.80
N TYR A 66 8.69 -6.07 9.14
CA TYR A 66 8.52 -6.74 10.42
C TYR A 66 9.53 -7.86 10.58
N GLN A 67 9.69 -8.65 9.52
CA GLN A 67 10.63 -9.77 9.53
C GLN A 67 12.05 -9.31 9.77
N GLU A 68 12.40 -8.16 9.21
CA GLU A 68 13.73 -7.59 9.36
C GLU A 68 13.94 -7.11 10.81
N LYS A 69 12.84 -6.76 11.46
CA LYS A 69 12.90 -6.30 12.85
C LYS A 69 12.79 -7.48 13.82
N GLY A 70 12.77 -8.69 13.26
CA GLY A 70 12.75 -9.89 14.09
C GLY A 70 11.39 -10.56 14.11
N TYR A 71 10.37 -9.86 13.65
CA TYR A 71 9.02 -10.39 13.64
C TYR A 71 8.81 -11.28 12.42
N VAL A 72 9.44 -12.44 12.44
CA VAL A 72 9.39 -13.38 11.33
C VAL A 72 7.99 -13.96 11.14
N LEU A 73 7.25 -14.04 12.24
CA LEU A 73 5.90 -14.58 12.23
C LEU A 73 4.90 -13.55 11.70
N ALA A 74 5.36 -12.32 11.53
CA ALA A 74 4.50 -11.24 11.09
C ALA A 74 4.53 -11.08 9.57
N ARG A 75 3.38 -10.80 9.00
CA ARG A 75 3.27 -10.58 7.56
C ARG A 75 2.10 -9.64 7.28
N ALA A 76 2.36 -8.63 6.47
CA ALA A 76 1.32 -7.67 6.11
C ALA A 76 0.74 -8.03 4.74
N PHE A 77 -0.57 -7.93 4.62
CA PHE A 77 -1.25 -8.22 3.37
C PHE A 77 -2.29 -7.15 3.07
N LEU A 78 -2.42 -6.80 1.81
CA LEU A 78 -3.39 -5.80 1.41
C LEU A 78 -4.67 -6.49 0.96
N PRO A 79 -5.77 -6.29 1.69
CA PRO A 79 -7.07 -6.86 1.33
C PRO A 79 -7.66 -6.22 0.09
N ALA A 80 -7.40 -6.82 -1.06
CA ALA A 80 -7.86 -6.28 -2.33
C ALA A 80 -9.24 -6.82 -2.67
N GLN A 81 -10.22 -6.50 -1.85
CA GLN A 81 -11.59 -6.96 -2.07
C GLN A 81 -12.40 -5.87 -2.75
N GLU A 82 -12.07 -4.63 -2.43
CA GLU A 82 -12.77 -3.46 -2.94
C GLU A 82 -11.82 -2.28 -3.05
N ILE A 83 -11.29 -1.86 -1.90
CA ILE A 83 -10.33 -0.76 -1.81
C ILE A 83 -10.95 0.58 -2.20
N GLN A 84 -11.18 1.41 -1.19
CA GLN A 84 -11.58 2.80 -1.42
C GLN A 84 -10.50 3.53 -2.19
N ASP A 85 -10.90 4.38 -3.11
CA ASP A 85 -9.95 5.10 -3.95
C ASP A 85 -9.35 6.26 -3.16
N GLY A 86 -8.06 6.48 -3.33
CA GLY A 86 -7.38 7.53 -2.60
C GLY A 86 -6.55 6.97 -1.45
N THR A 87 -7.15 6.06 -0.68
CA THR A 87 -6.48 5.48 0.45
C THR A 87 -6.51 3.95 0.37
N VAL A 88 -5.35 3.34 0.36
CA VAL A 88 -5.28 1.88 0.38
C VAL A 88 -4.93 1.41 1.78
N ARG A 89 -5.67 0.43 2.28
CA ARG A 89 -5.43 -0.04 3.63
C ARG A 89 -4.86 -1.46 3.61
N ILE A 90 -3.79 -1.63 4.36
CA ILE A 90 -3.10 -2.91 4.45
C ILE A 90 -3.29 -3.50 5.84
N GLU A 91 -3.61 -4.77 5.91
CA GLU A 91 -3.81 -5.44 7.18
C GLU A 91 -2.52 -6.11 7.63
N VAL A 92 -2.08 -5.74 8.82
CA VAL A 92 -0.84 -6.23 9.36
C VAL A 92 -1.08 -7.38 10.33
N LEU A 93 -0.69 -8.57 9.92
CA LEU A 93 -0.80 -9.74 10.78
C LEU A 93 0.52 -9.95 11.52
N GLU A 94 0.58 -9.42 12.74
CA GLU A 94 1.80 -9.48 13.53
C GLU A 94 1.97 -10.86 14.17
N GLY A 95 0.93 -11.68 14.07
CA GLY A 95 0.99 -13.02 14.60
C GLY A 95 -0.34 -13.43 15.21
N MET A 1 4.24 24.09 -3.49
CA MET A 1 3.05 23.20 -3.41
C MET A 1 1.76 24.00 -3.49
N ALA A 2 1.86 25.31 -3.68
CA ALA A 2 0.70 26.17 -3.75
C ALA A 2 0.25 26.35 -5.19
N HIS A 3 1.17 26.11 -6.12
CA HIS A 3 0.88 26.21 -7.54
C HIS A 3 0.17 24.95 -8.02
N HIS A 4 -1.14 24.90 -7.76
CA HIS A 4 -1.98 23.75 -8.07
C HIS A 4 -1.64 22.57 -7.17
N HIS A 5 -2.49 21.55 -7.22
CA HIS A 5 -2.30 20.35 -6.42
C HIS A 5 -2.55 19.12 -7.27
N HIS A 6 -1.79 19.01 -8.35
CA HIS A 6 -2.04 17.98 -9.35
C HIS A 6 -1.02 16.85 -9.23
N HIS A 7 -0.55 16.57 -8.01
CA HIS A 7 0.35 15.44 -7.79
C HIS A 7 -0.42 14.12 -7.84
N HIS A 8 -0.99 13.83 -8.99
CA HIS A 8 -1.78 12.62 -9.20
C HIS A 8 -1.50 12.07 -10.59
N VAL A 9 -0.43 11.30 -10.70
CA VAL A 9 0.02 10.79 -11.99
C VAL A 9 -0.92 9.73 -12.54
N ASP A 10 -1.77 10.14 -13.46
CA ASP A 10 -2.68 9.21 -14.14
C ASP A 10 -2.07 8.76 -15.46
N ASP A 11 -0.79 9.04 -15.62
CA ASP A 11 -0.07 8.70 -16.86
C ASP A 11 0.49 7.30 -16.79
N ASP A 12 0.22 6.60 -15.70
CA ASP A 12 0.66 5.21 -15.55
C ASP A 12 -0.39 4.28 -16.12
N ASP A 13 -0.07 3.66 -17.26
CA ASP A 13 -1.03 2.86 -18.02
C ASP A 13 -1.25 1.49 -17.39
N LYS A 14 -2.26 0.79 -17.90
CA LYS A 14 -2.57 -0.56 -17.44
C LYS A 14 -3.07 -1.41 -18.60
N MET A 15 -2.94 -2.71 -18.47
CA MET A 15 -3.39 -3.64 -19.49
C MET A 15 -4.06 -4.85 -18.87
N GLY A 16 -3.37 -5.50 -17.93
CA GLY A 16 -3.93 -6.65 -17.25
C GLY A 16 -5.12 -6.28 -16.39
N GLY A 17 -5.00 -5.18 -15.68
CA GLY A 17 -6.07 -4.71 -14.83
C GLY A 17 -5.96 -3.23 -14.53
N PRO A 18 -7.08 -2.53 -14.32
CA PRO A 18 -7.10 -1.10 -14.00
C PRO A 18 -6.24 -0.74 -12.78
N THR A 19 -5.53 0.38 -12.91
CA THR A 19 -4.69 0.87 -11.83
C THR A 19 -5.48 1.76 -10.87
N VAL A 20 -5.04 1.85 -9.62
CA VAL A 20 -5.70 2.69 -8.63
C VAL A 20 -4.78 3.82 -8.20
N LEU A 21 -5.26 5.05 -8.31
CA LEU A 21 -4.52 6.21 -7.88
C LEU A 21 -4.40 6.24 -6.37
N VAL A 22 -3.24 5.84 -5.87
CA VAL A 22 -2.99 5.81 -4.45
C VAL A 22 -2.62 7.20 -3.96
N LYS A 23 -3.33 7.66 -2.95
CA LYS A 23 -3.09 8.98 -2.37
C LYS A 23 -2.45 8.84 -0.99
N ARG A 24 -2.86 7.81 -0.26
CA ARG A 24 -2.33 7.57 1.08
C ARG A 24 -2.46 6.09 1.46
N PHE A 25 -1.68 5.69 2.46
CA PHE A 25 -1.70 4.32 2.96
C PHE A 25 -2.21 4.30 4.39
N GLN A 26 -3.00 3.28 4.71
CA GLN A 26 -3.54 3.12 6.05
C GLN A 26 -3.27 1.71 6.53
N LEU A 27 -2.69 1.59 7.71
CA LEU A 27 -2.35 0.28 8.26
C LEU A 27 -3.37 -0.11 9.31
N SER A 28 -3.80 -1.36 9.27
CA SER A 28 -4.76 -1.88 10.22
C SER A 28 -4.29 -3.21 10.78
N GLY A 29 -4.34 -3.33 12.10
CA GLY A 29 -3.88 -4.56 12.74
C GLY A 29 -2.47 -4.40 13.29
N ASN A 30 -1.82 -3.32 12.89
CA ASN A 30 -0.46 -3.03 13.34
C ASN A 30 -0.48 -2.47 14.76
N ARG A 31 0.38 -3.01 15.61
CA ARG A 31 0.48 -2.55 16.99
C ARG A 31 1.92 -2.19 17.32
N GLN A 32 2.86 -2.98 16.80
CA GLN A 32 4.26 -2.78 17.08
C GLN A 32 4.75 -1.49 16.43
N PHE A 33 4.37 -1.28 15.19
CA PHE A 33 4.77 -0.09 14.46
C PHE A 33 3.53 0.65 13.98
N ASP A 34 3.54 1.96 14.14
CA ASP A 34 2.39 2.80 13.81
C ASP A 34 2.35 3.10 12.32
N ASP A 35 1.29 3.78 11.88
CA ASP A 35 1.10 4.09 10.46
C ASP A 35 2.30 4.83 9.90
N ARG A 36 2.75 5.86 10.61
CA ARG A 36 3.81 6.73 10.12
C ARG A 36 5.12 5.97 9.93
N ARG A 37 5.25 4.88 10.68
CA ARG A 37 6.44 4.05 10.59
C ARG A 37 6.36 3.12 9.38
N LEU A 38 5.16 2.64 9.08
CA LEU A 38 4.98 1.69 8.00
C LEU A 38 4.77 2.38 6.65
N LEU A 39 4.10 3.53 6.65
CA LEU A 39 3.83 4.25 5.41
C LEU A 39 5.13 4.77 4.79
N ALA A 40 6.18 4.84 5.61
CA ALA A 40 7.49 5.25 5.12
C ALA A 40 8.04 4.21 4.17
N LEU A 41 7.56 2.99 4.29
CA LEU A 41 7.93 1.91 3.38
C LEU A 41 7.31 2.15 2.00
N LEU A 42 6.24 2.94 1.97
CA LEU A 42 5.54 3.24 0.73
C LEU A 42 5.76 4.69 0.36
N HIS A 43 6.72 5.33 1.02
CA HIS A 43 6.92 6.78 0.87
C HIS A 43 7.14 7.20 -0.59
N ASP A 44 7.63 6.29 -1.41
CA ASP A 44 7.94 6.60 -2.80
C ASP A 44 6.87 6.05 -3.74
N LEU A 45 5.77 5.58 -3.18
CA LEU A 45 4.79 4.84 -3.96
C LEU A 45 3.61 5.68 -4.44
N PRO A 46 2.86 6.37 -3.54
CA PRO A 46 1.61 7.02 -3.92
C PRO A 46 1.82 8.32 -4.71
N GLY A 47 0.73 8.87 -5.21
CA GLY A 47 0.82 10.00 -6.10
C GLY A 47 0.77 9.54 -7.54
N GLN A 48 0.69 8.23 -7.71
CA GLN A 48 0.61 7.59 -9.02
C GLN A 48 -0.52 6.58 -9.01
N GLU A 49 -0.79 6.01 -10.17
CA GLU A 49 -1.79 4.97 -10.28
C GLU A 49 -1.12 3.60 -10.19
N LEU A 50 -1.11 3.05 -8.99
CA LEU A 50 -0.53 1.74 -8.74
C LEU A 50 -1.58 0.66 -9.03
N ASN A 51 -1.17 -0.39 -9.70
CA ASN A 51 -2.09 -1.49 -10.01
C ASN A 51 -2.22 -2.39 -8.78
N LEU A 52 -3.32 -3.13 -8.68
CA LEU A 52 -3.59 -3.95 -7.50
C LEU A 52 -2.40 -4.82 -7.11
N SER A 53 -1.76 -5.42 -8.11
CA SER A 53 -0.55 -6.20 -7.89
C SER A 53 0.49 -5.39 -7.12
N GLN A 54 0.66 -4.13 -7.53
CA GLN A 54 1.60 -3.23 -6.90
C GLN A 54 1.16 -2.85 -5.49
N LEU A 55 -0.14 -2.65 -5.31
CA LEU A 55 -0.71 -2.42 -3.99
C LEU A 55 -0.38 -3.57 -3.04
N HIS A 56 -0.58 -4.80 -3.50
CA HIS A 56 -0.26 -5.97 -2.67
C HIS A 56 1.24 -6.06 -2.42
N ALA A 57 2.02 -5.65 -3.40
CA ALA A 57 3.49 -5.64 -3.28
C ALA A 57 3.93 -4.61 -2.24
N ALA A 58 3.13 -3.57 -2.07
CA ALA A 58 3.40 -2.56 -1.05
C ALA A 58 3.31 -3.17 0.34
N ALA A 59 2.34 -4.08 0.50
CA ALA A 59 2.17 -4.80 1.75
C ALA A 59 3.36 -5.72 2.02
N ALA A 60 3.96 -6.21 0.93
CA ALA A 60 5.12 -7.08 1.05
C ALA A 60 6.32 -6.33 1.62
N ARG A 61 6.44 -5.05 1.24
CA ARG A 61 7.50 -4.19 1.80
C ARG A 61 7.42 -4.17 3.32
N ILE A 62 6.19 -4.09 3.81
CA ILE A 62 5.94 -3.97 5.24
C ILE A 62 6.09 -5.32 5.94
N GLY A 63 5.70 -6.38 5.26
CA GLY A 63 5.87 -7.70 5.80
C GLY A 63 7.33 -8.00 6.10
N ASP A 64 8.19 -7.74 5.13
CA ASP A 64 9.63 -7.95 5.29
C ASP A 64 10.20 -6.98 6.32
N PHE A 65 9.58 -5.81 6.46
CA PHE A 65 9.98 -4.83 7.45
C PHE A 65 9.90 -5.43 8.85
N TYR A 66 8.76 -6.02 9.15
CA TYR A 66 8.56 -6.69 10.43
C TYR A 66 9.54 -7.83 10.61
N GLN A 67 9.71 -8.64 9.56
CA GLN A 67 10.60 -9.79 9.61
C GLN A 67 12.03 -9.37 9.89
N GLU A 68 12.42 -8.22 9.36
CA GLU A 68 13.74 -7.66 9.61
C GLU A 68 13.90 -7.30 11.08
N LYS A 69 12.83 -6.84 11.69
CA LYS A 69 12.87 -6.42 13.08
C LYS A 69 12.82 -7.62 14.03
N GLY A 70 12.67 -8.80 13.45
CA GLY A 70 12.63 -10.01 14.24
C GLY A 70 11.27 -10.67 14.24
N TYR A 71 10.30 -9.98 13.64
CA TYR A 71 8.94 -10.50 13.56
C TYR A 71 8.77 -11.25 12.24
N VAL A 72 9.49 -12.36 12.12
CA VAL A 72 9.51 -13.13 10.89
C VAL A 72 8.13 -13.75 10.61
N LEU A 73 7.39 -14.00 11.69
CA LEU A 73 6.05 -14.55 11.58
C LEU A 73 5.08 -13.48 11.07
N ALA A 74 5.42 -12.23 11.32
CA ALA A 74 4.56 -11.12 10.98
C ALA A 74 4.65 -10.77 9.50
N ARG A 75 3.49 -10.62 8.88
CA ARG A 75 3.42 -10.22 7.48
C ARG A 75 2.26 -9.26 7.28
N ALA A 76 2.37 -8.45 6.26
CA ALA A 76 1.32 -7.49 5.95
C ALA A 76 0.67 -7.85 4.62
N PHE A 77 -0.64 -7.81 4.59
CA PHE A 77 -1.38 -8.12 3.38
C PHE A 77 -2.39 -7.03 3.11
N LEU A 78 -2.69 -6.81 1.84
CA LEU A 78 -3.61 -5.75 1.47
C LEU A 78 -4.94 -6.36 1.04
N PRO A 79 -5.99 -6.20 1.88
CA PRO A 79 -7.33 -6.66 1.56
C PRO A 79 -7.89 -6.02 0.29
N ALA A 80 -7.93 -6.79 -0.79
CA ALA A 80 -8.42 -6.31 -2.06
C ALA A 80 -9.94 -6.20 -2.06
N GLN A 81 -10.47 -5.41 -3.00
CA GLN A 81 -11.92 -5.19 -3.11
C GLN A 81 -12.48 -4.49 -1.88
N GLU A 82 -11.58 -3.96 -1.05
CA GLU A 82 -11.96 -3.22 0.14
C GLU A 82 -11.14 -1.94 0.21
N ILE A 83 -10.86 -1.41 -0.97
CA ILE A 83 -10.00 -0.25 -1.11
C ILE A 83 -10.81 0.98 -1.52
N GLN A 84 -10.34 2.14 -1.10
CA GLN A 84 -10.99 3.39 -1.45
C GLN A 84 -10.21 4.07 -2.55
N ASP A 85 -10.83 5.01 -3.25
CA ASP A 85 -10.22 5.65 -4.43
C ASP A 85 -9.16 6.66 -4.01
N GLY A 86 -8.12 6.17 -3.36
CA GLY A 86 -7.04 7.01 -2.91
C GLY A 86 -6.43 6.50 -1.62
N THR A 87 -7.27 5.94 -0.77
CA THR A 87 -6.82 5.38 0.48
C THR A 87 -6.76 3.85 0.38
N VAL A 88 -5.59 3.30 0.62
CA VAL A 88 -5.43 1.86 0.63
C VAL A 88 -5.22 1.37 2.06
N ARG A 89 -6.01 0.39 2.47
CA ARG A 89 -5.89 -0.13 3.82
C ARG A 89 -5.19 -1.47 3.81
N ILE A 90 -4.00 -1.51 4.41
CA ILE A 90 -3.22 -2.73 4.49
C ILE A 90 -3.32 -3.31 5.89
N GLU A 91 -3.60 -4.60 5.98
CA GLU A 91 -3.74 -5.25 7.27
C GLU A 91 -2.44 -5.93 7.66
N VAL A 92 -1.96 -5.60 8.85
CA VAL A 92 -0.71 -6.14 9.34
C VAL A 92 -0.98 -7.30 10.30
N LEU A 93 -0.63 -8.50 9.87
CA LEU A 93 -0.80 -9.68 10.70
C LEU A 93 0.50 -9.94 11.44
N GLU A 94 0.63 -9.34 12.61
CA GLU A 94 1.86 -9.41 13.39
C GLU A 94 2.14 -10.82 13.91
N GLY A 95 1.13 -11.67 13.86
CA GLY A 95 1.30 -13.04 14.30
C GLY A 95 0.38 -13.38 15.45
N MET A 1 0.62 18.82 -3.30
CA MET A 1 -0.61 19.45 -2.75
C MET A 1 -0.70 20.91 -3.16
N ALA A 2 0.20 21.73 -2.61
CA ALA A 2 0.20 23.15 -2.90
C ALA A 2 0.85 23.44 -4.24
N HIS A 3 2.16 23.20 -4.32
CA HIS A 3 2.90 23.42 -5.57
C HIS A 3 2.41 22.46 -6.65
N HIS A 4 2.56 21.18 -6.41
CA HIS A 4 2.00 20.16 -7.30
C HIS A 4 0.55 19.95 -6.96
N HIS A 5 -0.32 20.71 -7.62
CA HIS A 5 -1.74 20.62 -7.39
C HIS A 5 -2.41 19.92 -8.56
N HIS A 6 -2.02 20.30 -9.77
CA HIS A 6 -2.53 19.68 -10.98
C HIS A 6 -1.91 18.31 -11.16
N HIS A 7 -2.72 17.28 -10.96
CA HIS A 7 -2.27 15.90 -11.10
C HIS A 7 -1.90 15.63 -12.55
N HIS A 8 -0.65 15.32 -12.78
CA HIS A 8 -0.17 15.04 -14.13
C HIS A 8 0.56 13.69 -14.15
N VAL A 9 -0.08 12.70 -13.56
CA VAL A 9 0.45 11.34 -13.55
C VAL A 9 -0.45 10.44 -14.38
N ASP A 10 0.15 9.66 -15.25
CA ASP A 10 -0.60 8.80 -16.15
C ASP A 10 -0.39 7.33 -15.79
N ASP A 11 -1.49 6.61 -15.65
CA ASP A 11 -1.44 5.17 -15.48
C ASP A 11 -1.50 4.51 -16.85
N ASP A 12 -2.12 5.24 -17.79
CA ASP A 12 -2.14 4.88 -19.21
C ASP A 12 -2.54 3.43 -19.44
N ASP A 13 -3.84 3.17 -19.36
CA ASP A 13 -4.40 1.81 -19.52
C ASP A 13 -3.92 0.91 -18.40
N LYS A 14 -4.80 0.66 -17.44
CA LYS A 14 -4.50 -0.18 -16.30
C LYS A 14 -3.98 -1.55 -16.73
N MET A 15 -2.73 -1.83 -16.41
CA MET A 15 -2.13 -3.11 -16.71
C MET A 15 -1.69 -3.78 -15.42
N GLY A 16 -2.14 -5.01 -15.21
CA GLY A 16 -1.87 -5.69 -13.96
C GLY A 16 -3.02 -5.50 -13.00
N GLY A 17 -4.21 -5.39 -13.55
CA GLY A 17 -5.39 -5.12 -12.76
C GLY A 17 -5.76 -3.65 -12.80
N PRO A 18 -6.99 -3.30 -12.40
CA PRO A 18 -7.43 -1.90 -12.36
C PRO A 18 -6.54 -1.06 -11.44
N THR A 19 -6.13 0.10 -11.94
CA THR A 19 -5.22 0.95 -11.19
C THR A 19 -5.97 1.79 -10.16
N VAL A 20 -5.37 1.92 -9.00
CA VAL A 20 -5.95 2.70 -7.92
C VAL A 20 -5.03 3.87 -7.58
N LEU A 21 -5.56 5.08 -7.63
CA LEU A 21 -4.80 6.24 -7.21
C LEU A 21 -4.64 6.22 -5.71
N VAL A 22 -3.41 6.32 -5.27
CA VAL A 22 -3.11 6.23 -3.86
C VAL A 22 -2.72 7.59 -3.30
N LYS A 23 -3.53 8.08 -2.39
CA LYS A 23 -3.28 9.34 -1.74
C LYS A 23 -2.61 9.10 -0.40
N ARG A 24 -2.86 7.93 0.17
CA ARG A 24 -2.28 7.55 1.45
C ARG A 24 -2.49 6.07 1.72
N PHE A 25 -1.71 5.54 2.65
CA PHE A 25 -1.81 4.14 3.05
C PHE A 25 -2.36 4.05 4.47
N GLN A 26 -3.27 3.13 4.68
CA GLN A 26 -3.83 2.89 6.00
C GLN A 26 -3.44 1.52 6.49
N LEU A 27 -2.91 1.44 7.69
CA LEU A 27 -2.47 0.17 8.24
C LEU A 27 -3.48 -0.33 9.26
N SER A 28 -3.93 -1.56 9.09
CA SER A 28 -4.91 -2.15 9.98
C SER A 28 -4.30 -3.33 10.72
N GLY A 29 -4.26 -3.24 12.04
CA GLY A 29 -3.73 -4.33 12.85
C GLY A 29 -2.30 -4.10 13.28
N ASN A 30 -1.74 -2.96 12.90
CA ASN A 30 -0.38 -2.61 13.26
C ASN A 30 -0.31 -2.05 14.67
N ARG A 31 0.52 -2.67 15.50
CA ARG A 31 0.73 -2.21 16.86
C ARG A 31 2.21 -2.05 17.15
N GLN A 32 3.02 -2.91 16.55
CA GLN A 32 4.47 -2.87 16.73
C GLN A 32 5.05 -1.63 16.07
N PHE A 33 4.43 -1.22 14.96
CA PHE A 33 4.81 0.00 14.27
C PHE A 33 3.57 0.78 13.86
N ASP A 34 3.64 2.09 13.96
CA ASP A 34 2.49 2.94 13.63
C ASP A 34 2.39 3.15 12.12
N ASP A 35 1.28 3.72 11.67
CA ASP A 35 1.02 3.91 10.25
C ASP A 35 2.16 4.67 9.58
N ARG A 36 2.47 5.85 10.10
CA ARG A 36 3.47 6.71 9.49
C ARG A 36 4.82 6.02 9.41
N ARG A 37 5.09 5.16 10.39
CA ARG A 37 6.32 4.36 10.39
C ARG A 37 6.35 3.40 9.21
N LEU A 38 5.20 2.76 8.95
CA LEU A 38 5.10 1.82 7.84
C LEU A 38 4.93 2.56 6.51
N LEU A 39 4.39 3.77 6.57
CA LEU A 39 4.20 4.62 5.40
C LEU A 39 5.53 4.94 4.74
N ALA A 40 6.58 5.01 5.56
CA ALA A 40 7.93 5.23 5.05
C ALA A 40 8.37 4.13 4.11
N LEU A 41 7.77 2.96 4.25
CA LEU A 41 8.05 1.84 3.36
C LEU A 41 7.38 2.06 2.01
N LEU A 42 6.33 2.86 2.01
CA LEU A 42 5.58 3.14 0.78
C LEU A 42 5.86 4.57 0.33
N HIS A 43 6.90 5.17 0.89
CA HIS A 43 7.20 6.60 0.69
C HIS A 43 7.31 6.99 -0.80
N ASP A 44 7.53 6.02 -1.66
CA ASP A 44 7.75 6.28 -3.08
C ASP A 44 6.59 5.80 -3.94
N LEU A 45 5.48 5.43 -3.32
CA LEU A 45 4.35 4.85 -4.06
C LEU A 45 3.22 5.84 -4.34
N PRO A 46 2.65 6.54 -3.33
CA PRO A 46 1.44 7.33 -3.54
C PRO A 46 1.69 8.57 -4.38
N GLY A 47 0.61 9.18 -4.85
CA GLY A 47 0.70 10.26 -5.81
C GLY A 47 0.56 9.74 -7.22
N GLN A 48 0.86 8.46 -7.39
CA GLN A 48 0.69 7.78 -8.66
C GLN A 48 -0.45 6.79 -8.58
N GLU A 49 -0.84 6.26 -9.73
CA GLU A 49 -1.88 5.26 -9.79
C GLU A 49 -1.27 3.87 -9.87
N LEU A 50 -1.44 3.13 -8.80
CA LEU A 50 -0.80 1.82 -8.66
C LEU A 50 -1.77 0.71 -9.05
N ASN A 51 -1.26 -0.30 -9.74
CA ASN A 51 -2.09 -1.45 -10.12
C ASN A 51 -2.16 -2.45 -8.99
N LEU A 52 -3.02 -3.46 -9.12
CA LEU A 52 -3.19 -4.48 -8.07
C LEU A 52 -1.84 -5.06 -7.63
N SER A 53 -1.00 -5.38 -8.60
CA SER A 53 0.32 -5.92 -8.32
C SER A 53 1.11 -5.01 -7.39
N GLN A 54 1.19 -3.74 -7.75
CA GLN A 54 1.90 -2.74 -6.98
C GLN A 54 1.23 -2.50 -5.62
N LEU A 55 -0.09 -2.65 -5.59
CA LEU A 55 -0.86 -2.47 -4.36
C LEU A 55 -0.41 -3.47 -3.30
N HIS A 56 -0.44 -4.76 -3.61
CA HIS A 56 -0.07 -5.78 -2.64
C HIS A 56 1.44 -5.83 -2.45
N ALA A 57 2.19 -5.37 -3.45
CA ALA A 57 3.63 -5.26 -3.34
C ALA A 57 4.01 -4.32 -2.19
N ALA A 58 3.17 -3.31 -1.98
CA ALA A 58 3.35 -2.38 -0.88
C ALA A 58 3.29 -3.11 0.46
N ALA A 59 2.38 -4.08 0.55
CA ALA A 59 2.22 -4.86 1.76
C ALA A 59 3.43 -5.74 2.00
N ALA A 60 4.02 -6.23 0.91
CA ALA A 60 5.20 -7.07 0.99
C ALA A 60 6.37 -6.33 1.60
N ARG A 61 6.50 -5.05 1.25
CA ARG A 61 7.54 -4.19 1.81
C ARG A 61 7.45 -4.18 3.33
N ILE A 62 6.22 -4.09 3.83
CA ILE A 62 5.97 -3.98 5.25
C ILE A 62 6.10 -5.34 5.93
N GLY A 63 5.64 -6.37 5.23
CA GLY A 63 5.77 -7.71 5.74
C GLY A 63 7.21 -8.08 5.97
N ASP A 64 8.06 -7.76 5.01
CA ASP A 64 9.50 -8.02 5.11
C ASP A 64 10.12 -7.12 6.19
N PHE A 65 9.58 -5.92 6.32
CA PHE A 65 10.05 -4.97 7.34
C PHE A 65 9.94 -5.57 8.73
N TYR A 66 8.77 -6.11 9.05
CA TYR A 66 8.54 -6.74 10.34
C TYR A 66 9.48 -7.92 10.55
N GLN A 67 9.69 -8.70 9.50
CA GLN A 67 10.54 -9.89 9.56
C GLN A 67 11.96 -9.52 9.99
N GLU A 68 12.50 -8.46 9.40
CA GLU A 68 13.85 -8.02 9.71
C GLU A 68 13.95 -7.44 11.12
N LYS A 69 12.81 -7.08 11.68
CA LYS A 69 12.76 -6.52 13.02
C LYS A 69 12.57 -7.61 14.06
N GLY A 70 12.58 -8.87 13.61
CA GLY A 70 12.48 -9.99 14.52
C GLY A 70 11.10 -10.60 14.54
N TYR A 71 10.15 -9.91 13.92
CA TYR A 71 8.78 -10.38 13.88
C TYR A 71 8.58 -11.25 12.65
N VAL A 72 9.12 -12.46 12.71
CA VAL A 72 9.13 -13.36 11.57
C VAL A 72 7.75 -13.96 11.33
N LEU A 73 6.94 -14.04 12.37
CA LEU A 73 5.58 -14.52 12.25
C LEU A 73 4.68 -13.44 11.67
N ALA A 74 5.17 -12.20 11.71
CA ALA A 74 4.40 -11.07 11.22
C ALA A 74 4.54 -10.91 9.71
N ARG A 75 3.41 -10.63 9.07
CA ARG A 75 3.38 -10.38 7.65
C ARG A 75 2.22 -9.45 7.31
N ALA A 76 2.49 -8.43 6.51
CA ALA A 76 1.45 -7.51 6.10
C ALA A 76 0.89 -7.90 4.75
N PHE A 77 -0.43 -7.87 4.63
CA PHE A 77 -1.08 -8.21 3.38
C PHE A 77 -2.17 -7.21 3.06
N LEU A 78 -2.41 -6.98 1.79
CA LEU A 78 -3.46 -6.08 1.35
C LEU A 78 -4.65 -6.88 0.87
N PRO A 79 -5.80 -6.72 1.52
CA PRO A 79 -7.03 -7.42 1.14
C PRO A 79 -7.60 -6.92 -0.19
N ALA A 80 -7.02 -7.41 -1.29
CA ALA A 80 -7.46 -7.02 -2.62
C ALA A 80 -8.84 -7.55 -2.92
N GLN A 81 -9.78 -6.64 -3.17
CA GLN A 81 -11.16 -7.00 -3.47
C GLN A 81 -11.94 -5.78 -3.94
N GLU A 82 -11.86 -4.71 -3.15
CA GLU A 82 -12.52 -3.46 -3.48
C GLU A 82 -11.55 -2.31 -3.30
N ILE A 83 -11.10 -2.11 -2.06
CA ILE A 83 -10.18 -1.03 -1.70
C ILE A 83 -10.84 0.34 -1.85
N GLN A 84 -10.62 1.20 -0.87
CA GLN A 84 -11.13 2.55 -0.93
C GLN A 84 -10.32 3.36 -1.95
N ASP A 85 -10.97 3.77 -3.02
CA ASP A 85 -10.27 4.51 -4.07
C ASP A 85 -9.71 5.81 -3.52
N GLY A 86 -8.40 5.85 -3.36
CA GLY A 86 -7.76 6.99 -2.75
C GLY A 86 -6.92 6.58 -1.55
N THR A 87 -7.43 5.67 -0.75
CA THR A 87 -6.72 5.18 0.41
C THR A 87 -6.69 3.66 0.41
N VAL A 88 -5.49 3.11 0.39
CA VAL A 88 -5.34 1.67 0.41
C VAL A 88 -5.09 1.20 1.83
N ARG A 89 -5.80 0.18 2.26
CA ARG A 89 -5.67 -0.30 3.62
C ARG A 89 -5.01 -1.67 3.64
N ILE A 90 -3.84 -1.72 4.26
CA ILE A 90 -3.08 -2.94 4.39
C ILE A 90 -3.27 -3.53 5.78
N GLU A 91 -3.58 -4.82 5.84
CA GLU A 91 -3.78 -5.48 7.11
C GLU A 91 -2.48 -6.13 7.57
N VAL A 92 -1.99 -5.66 8.72
CA VAL A 92 -0.75 -6.14 9.26
C VAL A 92 -0.99 -7.28 10.22
N LEU A 93 -0.60 -8.48 9.82
CA LEU A 93 -0.71 -9.65 10.66
C LEU A 93 0.57 -9.80 11.47
N GLU A 94 0.59 -9.20 12.66
CA GLU A 94 1.77 -9.24 13.52
C GLU A 94 1.86 -10.59 14.23
N GLY A 95 0.78 -11.36 14.16
CA GLY A 95 0.75 -12.68 14.75
C GLY A 95 -0.65 -13.24 14.76
#